data_4K3O
#
_entry.id   4K3O
#
_cell.length_a   79.985
_cell.length_b   67.246
_cell.length_c   81.432
_cell.angle_alpha   90.000
_cell.angle_beta   113.780
_cell.angle_gamma   90.000
#
_symmetry.space_group_name_H-M   'P 1 21 1'
#
loop_
_entity.id
_entity.type
_entity.pdbx_description
1 polymer 'DNA polymerase III subunit beta'
2 polymer (ACE)QADLF
3 non-polymer DI(HYDROXYETHYL)ETHER
4 non-polymer 'CALCIUM ION'
5 non-polymer 'TRIETHYLENE GLYCOL'
6 non-polymer 1,2-ETHANEDIOL
7 non-polymer 'TETRAETHYLENE GLYCOL'
8 water water
#
loop_
_entity_poly.entity_id
_entity_poly.type
_entity_poly.pdbx_seq_one_letter_code
_entity_poly.pdbx_strand_id
1 'polypeptide(L)'
;MKFTVEREHLLKPLQQVSGPLGGRPTLPILGNLLLQVADGTLSLTGTDLEMEMVARVALVQPHEPGATTVPARKFFDICR
GLPEGAEIAVQLEGERMLVRSGRSRFSLSTLPAADFPNLDDWQSEVEFTLPQATMKRLIEATQFSMAHQDVRYYLNGMLF
ETEGEELRTVATDGHRLAVCSMPIGQSLPSHSVIVPRKGVIELMRMLDGGDNPLRVQIGSNNIRAHVGDFIFTSKLVDGR
FPDYRRVLPKNPDKHLEAGCDLLKQAFARAAILSNEKFRGVRLYVSENQLKITANNPEQEEAEEILDVTYSGAEMEIGFN
VSYVLDVLNALKCENVRMMLTDSVSSVQIEDAASQSAAYVVMPMRL
;
A,B
2 'polypeptide(L)' (ACE)QADLF E
#
# COMPACT_ATOMS: atom_id res chain seq x y z
N MET A 1 35.63 5.94 18.33
CA MET A 1 34.55 6.78 17.75
C MET A 1 33.43 6.84 18.75
N LYS A 2 33.04 8.06 19.13
CA LYS A 2 31.96 8.27 20.09
C LYS A 2 31.19 9.51 19.70
N PHE A 3 29.86 9.42 19.72
CA PHE A 3 29.04 10.62 19.63
C PHE A 3 27.74 10.45 20.42
N THR A 4 27.13 11.59 20.74
CA THR A 4 25.83 11.63 21.37
C THR A 4 25.01 12.66 20.63
N VAL A 5 23.89 12.24 20.06
CA VAL A 5 23.07 13.13 19.25
C VAL A 5 21.59 12.92 19.56
N GLU A 6 20.82 13.99 19.38
CA GLU A 6 19.37 13.89 19.52
C GLU A 6 18.80 13.09 18.35
N ARG A 7 17.80 12.27 18.65
CA ARG A 7 17.20 11.37 17.66
C ARG A 7 16.73 12.14 16.43
N GLU A 8 16.17 13.31 16.68
CA GLU A 8 15.58 14.15 15.66
C GLU A 8 16.60 14.72 14.67
N HIS A 9 17.89 14.65 15.01
CA HIS A 9 18.96 15.06 14.10
C HIS A 9 19.51 13.90 13.26
N LEU A 10 19.36 12.67 13.77
CA LEU A 10 19.82 11.47 13.06
C LEU A 10 18.83 10.85 12.07
N LEU A 11 17.53 11.05 12.32
CA LEU A 11 16.48 10.32 11.60
C LEU A 11 16.41 10.56 10.11
N LYS A 12 16.22 11.82 9.73
CA LYS A 12 16.16 12.18 8.32
C LYS A 12 17.47 11.80 7.61
N PRO A 13 18.63 12.16 8.18
CA PRO A 13 19.88 11.71 7.56
C PRO A 13 19.99 10.20 7.36
N LEU A 14 19.67 9.43 8.41
CA LEU A 14 19.68 7.96 8.28
C LEU A 14 18.71 7.50 7.21
N GLN A 15 17.50 8.06 7.21
CA GLN A 15 16.50 7.73 6.19
C GLN A 15 17.02 8.02 4.79
N GLN A 16 17.60 9.21 4.61
CA GLN A 16 18.09 9.63 3.28
C GLN A 16 19.26 8.78 2.77
N VAL A 17 20.23 8.49 3.63
CA VAL A 17 21.37 7.66 3.22
C VAL A 17 21.02 6.16 3.09
N SER A 18 19.91 5.73 3.70
CA SER A 18 19.60 4.29 3.84
C SER A 18 18.93 3.56 2.66
N GLY A 19 18.47 4.29 1.64
CA GLY A 19 17.75 3.65 0.52
C GLY A 19 18.52 3.70 -0.79
N PRO A 20 18.96 2.54 -1.32
CA PRO A 20 18.85 1.15 -0.84
C PRO A 20 19.97 0.71 0.11
N LEU A 21 21.07 1.47 0.13
CA LEU A 21 22.24 1.14 0.92
C LEU A 21 21.95 1.19 2.41
N LEU A 27 29.33 -8.26 -1.50
CA LEU A 27 28.08 -7.52 -1.43
C LEU A 27 27.69 -7.07 -0.01
N PRO A 28 28.04 -7.86 1.02
CA PRO A 28 27.52 -7.55 2.36
C PRO A 28 27.69 -6.08 2.78
N ILE A 29 28.88 -5.53 2.57
CA ILE A 29 29.19 -4.20 3.08
C ILE A 29 28.31 -3.10 2.45
N LEU A 30 27.75 -3.38 1.25
CA LEU A 30 26.81 -2.46 0.60
C LEU A 30 25.51 -2.26 1.37
N GLY A 31 25.20 -3.20 2.27
CA GLY A 31 24.06 -3.09 3.17
C GLY A 31 24.40 -2.36 4.46
N ASN A 32 25.64 -1.87 4.58
CA ASN A 32 26.04 -1.07 5.72
C ASN A 32 26.18 0.40 5.38
N LEU A 33 26.05 1.24 6.42
CA LEU A 33 26.39 2.66 6.35
C LEU A 33 27.77 2.89 6.92
N LEU A 34 28.52 3.77 6.27
CA LEU A 34 29.81 4.23 6.77
C LEU A 34 29.57 5.42 7.69
N LEU A 35 30.05 5.31 8.93
CA LEU A 35 29.98 6.39 9.91
C LEU A 35 31.38 6.90 10.20
N GLN A 36 31.55 8.22 10.12
CA GLN A 36 32.84 8.87 10.36
C GLN A 36 32.64 10.07 11.27
N VAL A 37 33.32 10.08 12.41
CA VAL A 37 33.37 11.26 13.24
C VAL A 37 34.71 11.94 12.98
N ALA A 38 34.65 13.19 12.52
CA ALA A 38 35.86 13.95 12.22
C ALA A 38 35.53 15.43 12.24
N ASP A 39 36.44 16.23 12.80
CA ASP A 39 36.31 17.69 12.84
C ASP A 39 34.91 18.18 13.24
N GLY A 40 34.38 17.67 14.34
CA GLY A 40 33.10 18.14 14.87
C GLY A 40 31.86 17.75 14.07
N THR A 41 32.01 16.81 13.14
CA THR A 41 30.92 16.39 12.27
C THR A 41 30.83 14.87 12.21
N LEU A 42 29.60 14.36 12.23
CA LEU A 42 29.31 12.98 11.88
C LEU A 42 28.87 12.94 10.43
N SER A 43 29.55 12.11 9.64
CA SER A 43 29.19 11.88 8.24
C SER A 43 28.63 10.48 8.13
N LEU A 44 27.54 10.34 7.38
CA LEU A 44 26.91 9.05 7.16
C LEU A 44 26.85 8.84 5.66
N THR A 45 27.37 7.69 5.21
CA THR A 45 27.46 7.40 3.78
C THR A 45 26.85 6.04 3.46
N GLY A 46 26.04 5.99 2.41
CA GLY A 46 25.54 4.74 1.83
C GLY A 46 25.76 4.74 0.33
N THR A 47 26.02 3.56 -0.23
CA THR A 47 26.29 3.40 -1.66
C THR A 47 25.83 2.04 -2.21
N ASP A 48 25.67 1.97 -3.53
CA ASP A 48 25.46 0.70 -4.24
C ASP A 48 26.54 0.50 -5.31
N LEU A 49 27.64 1.23 -5.19
CA LEU A 49 28.72 1.30 -6.18
C LEU A 49 28.41 2.22 -7.38
N GLU A 50 27.15 2.33 -7.76
CA GLU A 50 26.74 3.20 -8.88
C GLU A 50 26.44 4.62 -8.39
N MET A 51 25.92 4.72 -7.17
CA MET A 51 25.58 6.02 -6.61
C MET A 51 25.84 6.05 -5.11
N GLU A 52 25.82 7.26 -4.56
CA GLU A 52 26.23 7.50 -3.19
C GLU A 52 25.49 8.68 -2.57
N MET A 53 25.00 8.50 -1.35
CA MET A 53 24.40 9.57 -0.57
C MET A 53 25.25 9.81 0.69
N VAL A 54 25.60 11.07 0.93
CA VAL A 54 26.39 11.47 2.08
C VAL A 54 25.64 12.55 2.87
N ALA A 55 25.47 12.32 4.16
CA ALA A 55 24.86 13.31 5.04
C ALA A 55 25.88 13.73 6.11
N ARG A 56 25.85 15.02 6.44
CA ARG A 56 26.71 15.56 7.51
C ARG A 56 25.85 16.04 8.68
N VAL A 57 26.29 15.74 9.90
CA VAL A 57 25.55 16.10 11.10
C VAL A 57 26.52 16.73 12.08
N ALA A 58 26.28 18.01 12.40
CA ALA A 58 27.09 18.72 13.37
C ALA A 58 26.96 18.08 14.74
N LEU A 59 28.09 17.98 15.44
CA LEU A 59 28.15 17.38 16.77
C LEU A 59 28.41 18.47 17.80
N VAL A 60 27.36 18.86 18.50
CA VAL A 60 27.45 19.92 19.51
C VAL A 60 27.77 19.35 20.89
N GLN A 61 27.62 18.03 21.04
CA GLN A 61 27.99 17.36 22.28
C GLN A 61 29.38 16.74 22.12
N PRO A 62 30.07 16.48 23.25
CA PRO A 62 31.39 15.86 23.23
C PRO A 62 31.41 14.62 22.37
N HIS A 63 32.51 14.41 21.67
CA HIS A 63 32.61 13.31 20.73
C HIS A 63 34.06 12.92 20.57
N GLU A 64 34.29 11.79 19.91
CA GLU A 64 35.64 11.31 19.66
C GLU A 64 35.73 10.77 18.25
N PRO A 65 36.88 11.00 17.59
CA PRO A 65 37.00 10.68 16.17
C PRO A 65 37.13 9.19 15.87
N GLY A 66 36.80 8.81 14.65
CA GLY A 66 36.91 7.44 14.17
C GLY A 66 35.85 7.10 13.15
N ALA A 67 36.00 5.95 12.51
CA ALA A 67 35.03 5.49 11.54
C ALA A 67 34.72 4.01 11.66
N THR A 68 33.49 3.66 11.31
CA THR A 68 33.08 2.28 11.24
C THR A 68 31.94 2.16 10.25
N THR A 69 31.39 0.98 10.17
CA THR A 69 30.40 0.62 9.18
C THR A 69 29.41 -0.29 9.90
N VAL A 70 28.11 0.00 9.79
CA VAL A 70 27.08 -0.75 10.53
CA VAL A 70 27.07 -0.71 10.56
C VAL A 70 25.89 -1.05 9.64
N PRO A 71 25.13 -2.13 9.94
CA PRO A 71 23.99 -2.45 9.08
C PRO A 71 22.95 -1.32 9.06
N ALA A 72 22.57 -0.91 7.85
CA ALA A 72 21.81 0.33 7.65
C ALA A 72 20.38 0.25 8.16
N ARG A 73 19.65 -0.80 7.76
CA ARG A 73 18.25 -0.96 8.16
C ARG A 73 18.12 -1.12 9.67
N LYS A 74 18.94 -1.98 10.25
CA LYS A 74 18.91 -2.17 11.69
C LYS A 74 19.17 -0.88 12.45
N PHE A 75 20.19 -0.13 12.06
CA PHE A 75 20.53 1.09 12.78
C PHE A 75 19.41 2.14 12.67
N PHE A 76 18.85 2.27 11.47
CA PHE A 76 17.73 3.18 11.24
C PHE A 76 16.49 2.75 12.01
N ASP A 77 16.16 1.46 11.94
CA ASP A 77 14.99 0.94 12.65
C ASP A 77 15.11 1.11 14.17
N ILE A 78 16.32 0.94 14.71
CA ILE A 78 16.59 1.18 16.13
C ILE A 78 16.34 2.64 16.48
N CYS A 79 16.94 3.57 15.73
CA CYS A 79 16.76 5.01 15.99
C CYS A 79 15.31 5.46 15.85
N ARG A 80 14.66 5.02 14.77
CA ARG A 80 13.24 5.33 14.55
C ARG A 80 12.33 4.76 15.65
N GLY A 81 12.65 3.55 16.10
CA GLY A 81 11.87 2.91 17.16
C GLY A 81 12.01 3.57 18.52
N LEU A 82 13.08 4.32 18.74
CA LEU A 82 13.23 5.07 19.98
C LEU A 82 12.22 6.23 20.06
N PRO A 83 11.91 6.69 21.28
CA PRO A 83 10.84 7.66 21.47
C PRO A 83 11.23 9.08 21.14
N GLU A 84 10.20 9.90 20.87
CA GLU A 84 10.35 11.34 20.61
C GLU A 84 11.27 12.01 21.62
N GLY A 85 12.26 12.76 21.14
CA GLY A 85 13.20 13.48 22.00
C GLY A 85 14.25 12.59 22.64
N ALA A 86 14.41 11.38 22.13
CA ALA A 86 15.45 10.48 22.61
C ALA A 86 16.81 11.07 22.27
N GLU A 87 17.78 10.86 23.17
CA GLU A 87 19.19 11.14 22.89
C GLU A 87 19.87 9.81 22.61
N ILE A 88 20.63 9.75 21.53
CA ILE A 88 21.26 8.51 21.10
C ILE A 88 22.78 8.60 21.25
N ALA A 89 23.32 7.90 22.24
CA ALA A 89 24.75 7.83 22.49
C ALA A 89 25.31 6.62 21.77
N VAL A 90 26.43 6.81 21.09
CA VAL A 90 27.01 5.76 20.26
C VAL A 90 28.51 5.69 20.52
N GLN A 91 29.03 4.47 20.64
CA GLN A 91 30.46 4.28 20.76
C GLN A 91 30.91 2.93 20.21
N LEU A 92 32.04 2.95 19.53
CA LEU A 92 32.62 1.76 18.95
C LEU A 92 33.27 0.99 20.09
N GLU A 93 33.16 -0.33 20.07
CA GLU A 93 33.71 -1.15 21.15
C GLU A 93 33.88 -2.59 20.69
N GLY A 94 35.14 -2.98 20.50
CA GLY A 94 35.48 -4.31 20.02
C GLY A 94 35.22 -4.37 18.52
N GLU A 95 34.46 -5.37 18.10
CA GLU A 95 34.01 -5.49 16.70
C GLU A 95 32.56 -5.04 16.56
N ARG A 96 32.02 -4.43 17.62
CA ARG A 96 30.61 -4.05 17.71
CA ARG A 96 30.62 -4.03 17.62
C ARG A 96 30.45 -2.54 17.89
N MET A 97 29.30 -2.01 17.48
CA MET A 97 28.96 -0.62 17.75
C MET A 97 27.82 -0.58 18.77
N LEU A 98 28.04 0.16 19.84
CA LEU A 98 27.08 0.22 20.94
C LEU A 98 26.22 1.47 20.83
N VAL A 99 24.91 1.27 20.88
CA VAL A 99 23.92 2.34 20.80
C VAL A 99 23.14 2.34 22.11
N ARG A 100 23.06 3.50 22.76
CA ARG A 100 22.36 3.66 24.03
C ARG A 100 21.37 4.82 23.97
N SER A 101 20.23 4.63 24.60
CA SER A 101 19.23 5.69 24.76
C SER A 101 18.28 5.26 25.88
N GLY A 102 18.15 6.11 26.90
CA GLY A 102 17.36 5.76 28.08
C GLY A 102 17.92 4.47 28.67
N ARG A 103 17.06 3.46 28.78
CA ARG A 103 17.49 2.14 29.18
C ARG A 103 17.25 1.13 28.05
N SER A 104 17.43 1.61 26.81
CA SER A 104 17.51 0.76 25.65
C SER A 104 18.99 0.68 25.25
N ARG A 105 19.50 -0.54 25.08
CA ARG A 105 20.89 -0.77 24.65
C ARG A 105 20.93 -1.75 23.49
N PHE A 106 21.74 -1.43 22.49
CA PHE A 106 21.88 -2.29 21.30
C PHE A 106 23.34 -2.45 20.95
N SER A 107 23.69 -3.65 20.49
CA SER A 107 25.03 -3.96 20.04
C SER A 107 24.97 -4.47 18.61
N LEU A 108 25.46 -3.64 17.67
CA LEU A 108 25.42 -3.94 16.25
C LEU A 108 26.77 -4.43 15.74
N SER A 109 26.73 -5.32 14.76
CA SER A 109 27.95 -5.83 14.13
C SER A 109 28.51 -4.76 13.19
N THR A 110 29.81 -4.83 12.93
CA THR A 110 30.44 -3.86 12.04
C THR A 110 31.30 -4.53 11.00
N LEU A 111 31.54 -3.81 9.91
CA LEU A 111 32.60 -4.13 8.98
C LEU A 111 33.54 -2.93 8.93
N PRO A 112 34.83 -3.16 8.61
CA PRO A 112 35.80 -2.06 8.65
C PRO A 112 35.48 -0.87 7.72
N ALA A 113 35.66 0.34 8.21
CA ALA A 113 35.52 1.54 7.36
C ALA A 113 36.50 1.49 6.18
N ALA A 114 37.66 0.89 6.39
CA ALA A 114 38.64 0.69 5.32
C ALA A 114 38.09 -0.14 4.16
N ASP A 115 37.13 -1.01 4.44
CA ASP A 115 36.52 -1.84 3.40
C ASP A 115 35.44 -1.14 2.59
N PHE A 116 34.95 0.00 3.07
CA PHE A 116 33.80 0.66 2.43
C PHE A 116 34.20 1.25 1.09
N PRO A 117 33.42 0.97 0.03
CA PRO A 117 33.87 1.40 -1.30
C PRO A 117 33.78 2.92 -1.50
N ASN A 118 34.71 3.45 -2.31
CA ASN A 118 34.67 4.84 -2.75
C ASN A 118 34.31 4.90 -4.22
N LEU A 119 33.55 5.93 -4.60
CA LEU A 119 33.42 6.26 -6.00
C LEU A 119 34.72 6.91 -6.41
N ASP A 120 35.15 6.66 -7.64
CA ASP A 120 36.34 7.28 -8.21
C ASP A 120 36.23 8.80 -8.18
N ASP A 121 37.37 9.47 -8.00
CA ASP A 121 37.39 10.93 -7.97
C ASP A 121 37.13 11.44 -9.38
N TRP A 122 36.53 12.62 -9.49
CA TRP A 122 36.21 13.21 -10.81
C TRP A 122 36.14 14.72 -10.74
N GLN A 123 36.15 15.36 -11.91
CA GLN A 123 36.16 16.81 -12.03
C GLN A 123 34.82 17.36 -12.49
N SER A 124 34.34 18.40 -11.81
CA SER A 124 33.15 19.13 -12.24
C SER A 124 33.47 19.96 -13.48
N GLU A 125 32.65 19.79 -14.52
CA GLU A 125 32.78 20.53 -15.78
C GLU A 125 31.66 21.56 -15.94
N VAL A 126 30.47 21.25 -15.43
CA VAL A 126 29.30 22.13 -15.53
C VAL A 126 28.65 22.25 -14.16
N GLU A 127 28.28 23.48 -13.80
CA GLU A 127 27.73 23.77 -12.48
C GLU A 127 26.64 24.83 -12.56
N PHE A 128 25.62 24.66 -11.73
CA PHE A 128 24.52 25.62 -11.60
C PHE A 128 23.70 25.32 -10.36
N THR A 129 22.95 26.33 -9.94
CA THR A 129 22.11 26.24 -8.77
C THR A 129 20.68 26.47 -9.23
N LEU A 130 19.72 25.84 -8.55
CA LEU A 130 18.31 26.08 -8.84
C LEU A 130 17.44 25.74 -7.64
N PRO A 131 16.20 26.27 -7.62
CA PRO A 131 15.28 25.95 -6.51
C PRO A 131 14.88 24.48 -6.50
N GLN A 132 14.71 23.94 -5.29
CA GLN A 132 14.15 22.62 -5.09
C GLN A 132 12.89 22.39 -5.92
N ALA A 133 11.98 23.35 -5.85
CA ALA A 133 10.66 23.23 -6.49
C ALA A 133 10.77 23.06 -8.00
N THR A 134 11.80 23.67 -8.58
CA THR A 134 12.06 23.58 -10.01
C THR A 134 12.53 22.17 -10.38
N MET A 135 13.45 21.60 -9.61
CA MET A 135 13.91 20.22 -9.87
C MET A 135 12.76 19.22 -9.69
N LYS A 136 11.98 19.41 -8.63
CA LYS A 136 10.76 18.62 -8.42
C LYS A 136 9.87 18.69 -9.65
N ARG A 137 9.64 19.91 -10.14
CA ARG A 137 8.86 20.18 -11.34
C ARG A 137 9.40 19.43 -12.57
N LEU A 138 10.71 19.48 -12.78
CA LEU A 138 11.32 18.87 -13.97
C LEU A 138 11.19 17.36 -13.98
N ILE A 139 11.37 16.75 -12.83
CA ILE A 139 11.35 15.30 -12.71
C ILE A 139 9.93 14.75 -12.74
N GLU A 140 9.06 15.33 -11.93
CA GLU A 140 7.66 14.86 -11.89
C GLU A 140 6.95 15.00 -13.24
N ALA A 141 7.36 15.98 -14.04
CA ALA A 141 6.72 16.21 -15.35
C ALA A 141 7.05 15.12 -16.38
N THR A 142 8.18 14.46 -16.21
CA THR A 142 8.67 13.51 -17.21
C THR A 142 8.90 12.10 -16.73
N GLN A 143 9.06 11.90 -15.42
CA GLN A 143 9.51 10.63 -14.89
C GLN A 143 8.73 9.44 -15.42
N PHE A 144 7.41 9.59 -15.52
CA PHE A 144 6.52 8.50 -15.91
C PHE A 144 6.72 7.99 -17.34
N SER A 145 7.41 8.77 -18.18
CA SER A 145 7.61 8.39 -19.59
C SER A 145 8.92 7.66 -19.84
N MET A 146 9.73 7.48 -18.79
CA MET A 146 10.95 6.68 -18.91
C MET A 146 10.60 5.25 -19.23
N ALA A 147 11.45 4.57 -19.99
CA ALA A 147 11.32 3.13 -20.18
C ALA A 147 11.70 2.44 -18.88
N HIS A 148 11.26 1.20 -18.66
CA HIS A 148 11.56 0.52 -17.39
C HIS A 148 12.78 -0.37 -17.52
N GLN A 149 12.74 -1.26 -18.51
CA GLN A 149 13.80 -2.26 -18.71
C GLN A 149 14.08 -2.44 -20.20
N ASP A 150 14.22 -1.34 -20.91
CA ASP A 150 14.45 -1.41 -22.34
C ASP A 150 15.87 -1.88 -22.63
N VAL A 151 16.04 -2.64 -23.70
CA VAL A 151 17.40 -3.07 -24.10
C VAL A 151 18.25 -1.88 -24.49
N ARG A 152 17.61 -0.79 -24.92
CA ARG A 152 18.30 0.49 -25.04
C ARG A 152 18.36 1.09 -23.65
N TYR A 153 19.43 0.77 -22.91
CA TYR A 153 19.56 1.13 -21.50
C TYR A 153 19.33 2.61 -21.23
N TYR A 154 19.88 3.47 -22.09
CA TYR A 154 19.78 4.92 -21.91
C TYR A 154 18.34 5.43 -21.85
N LEU A 155 17.40 4.70 -22.44
CA LEU A 155 15.98 5.07 -22.37
C LEU A 155 15.38 4.78 -20.99
N ASN A 156 16.06 3.97 -20.19
CA ASN A 156 15.61 3.65 -18.83
C ASN A 156 15.94 4.75 -17.83
N GLY A 157 16.76 5.71 -18.24
CA GLY A 157 17.04 6.89 -17.44
C GLY A 157 16.34 8.14 -17.96
N MET A 158 16.81 9.27 -17.47
CA MET A 158 16.26 10.58 -17.82
C MET A 158 17.37 11.50 -18.32
N LEU A 159 17.15 12.08 -19.50
CA LEU A 159 18.03 13.12 -20.03
C LEU A 159 17.86 14.40 -19.23
N PHE A 160 18.99 14.98 -18.81
CA PHE A 160 19.03 16.32 -18.23
C PHE A 160 19.87 17.16 -19.17
N GLU A 161 19.29 18.25 -19.67
CA GLU A 161 19.95 19.04 -20.69
C GLU A 161 19.99 20.51 -20.28
N THR A 162 21.14 21.15 -20.48
CA THR A 162 21.27 22.58 -20.29
C THR A 162 21.36 23.24 -21.67
N GLU A 163 20.60 24.31 -21.85
CA GLU A 163 20.67 25.11 -23.06
C GLU A 163 20.24 26.53 -22.75
N GLY A 164 21.06 27.50 -23.12
CA GLY A 164 20.78 28.91 -22.82
C GLY A 164 20.83 29.12 -21.33
N GLU A 165 19.68 29.43 -20.73
CA GLU A 165 19.52 29.46 -19.27
C GLU A 165 18.44 28.48 -18.80
N GLU A 166 18.17 27.45 -19.60
CA GLU A 166 17.14 26.46 -19.27
C GLU A 166 17.74 25.13 -18.85
N LEU A 167 17.13 24.51 -17.84
CA LEU A 167 17.40 23.12 -17.53
C LEU A 167 16.18 22.34 -18.03
N ARG A 168 16.45 21.25 -18.73
CA ARG A 168 15.41 20.48 -19.41
C ARG A 168 15.53 19.02 -19.04
N THR A 169 14.40 18.37 -18.78
CA THR A 169 14.37 16.91 -18.67
C THR A 169 13.62 16.31 -19.85
N VAL A 170 14.06 15.15 -20.32
CA VAL A 170 13.40 14.41 -21.38
C VAL A 170 13.35 12.96 -20.97
N ALA A 171 12.21 12.34 -21.20
CA ALA A 171 12.02 10.94 -20.89
C ALA A 171 11.20 10.34 -21.99
N THR A 172 11.60 9.15 -22.45
CA THR A 172 10.84 8.46 -23.49
C THR A 172 11.11 6.96 -23.51
N ASP A 173 10.11 6.22 -23.95
CA ASP A 173 10.23 4.77 -24.09
C ASP A 173 10.10 4.31 -25.54
N GLY A 174 10.12 5.24 -26.49
CA GLY A 174 9.88 4.92 -27.90
C GLY A 174 8.44 5.03 -28.37
N HIS A 175 7.48 4.89 -27.47
CA HIS A 175 6.05 5.00 -27.80
C HIS A 175 5.50 6.37 -27.42
N ARG A 176 5.94 6.85 -26.27
CA ARG A 176 5.59 8.20 -25.81
C ARG A 176 6.82 8.90 -25.26
N LEU A 177 6.77 10.23 -25.24
CA LEU A 177 7.88 11.04 -24.78
C LEU A 177 7.34 12.17 -23.91
N ALA A 178 8.13 12.58 -22.92
CA ALA A 178 7.84 13.76 -22.11
C ALA A 178 9.06 14.69 -22.09
N VAL A 179 8.81 15.98 -22.20
CA VAL A 179 9.86 16.98 -22.12
C VAL A 179 9.39 18.17 -21.30
N CYS A 180 10.26 18.67 -20.42
CA CYS A 180 9.93 19.81 -19.59
C CYS A 180 11.17 20.68 -19.48
N SER A 181 11.00 21.99 -19.68
CA SER A 181 12.09 22.97 -19.62
C SER A 181 11.74 24.07 -18.63
N MET A 182 12.67 24.40 -17.74
CA MET A 182 12.48 25.48 -16.78
C MET A 182 13.69 26.43 -16.82
N PRO A 183 13.42 27.74 -16.70
CA PRO A 183 14.49 28.72 -16.66
C PRO A 183 15.18 28.71 -15.29
N ILE A 184 16.49 28.90 -15.26
CA ILE A 184 17.18 28.93 -13.97
C ILE A 184 18.06 30.17 -13.76
N GLY A 185 17.92 31.16 -14.64
CA GLY A 185 18.53 32.48 -14.48
C GLY A 185 20.05 32.49 -14.45
N GLN A 186 20.67 31.59 -15.23
CA GLN A 186 22.12 31.46 -15.28
C GLN A 186 22.52 31.04 -16.69
N SER A 187 23.55 31.67 -17.24
CA SER A 187 24.07 31.30 -18.55
C SER A 187 24.74 29.93 -18.46
N LEU A 188 24.17 28.95 -19.17
CA LEU A 188 24.66 27.58 -19.13
C LEU A 188 25.34 27.21 -20.43
N PRO A 189 26.28 26.25 -20.39
CA PRO A 189 26.75 25.68 -21.64
C PRO A 189 25.73 24.73 -22.22
N SER A 190 25.79 24.47 -23.52
CA SER A 190 24.96 23.45 -24.14
C SER A 190 25.54 22.09 -23.79
N HIS A 191 24.75 21.26 -23.14
CA HIS A 191 25.26 20.02 -22.55
C HIS A 191 24.10 19.10 -22.14
N SER A 192 24.32 17.80 -22.31
CA SER A 192 23.31 16.80 -21.96
C SER A 192 23.95 15.59 -21.28
N VAL A 193 23.26 15.06 -20.28
CA VAL A 193 23.69 13.85 -19.58
C VAL A 193 22.47 12.99 -19.31
N ILE A 194 22.70 11.68 -19.15
CA ILE A 194 21.63 10.75 -18.85
C ILE A 194 21.84 10.20 -17.43
N VAL A 195 20.84 10.40 -16.59
CA VAL A 195 20.86 9.96 -15.20
C VAL A 195 20.07 8.66 -15.11
N PRO A 196 20.66 7.62 -14.50
CA PRO A 196 19.91 6.37 -14.41
C PRO A 196 18.67 6.50 -13.55
N ARG A 197 17.67 5.65 -13.79
CA ARG A 197 16.39 5.79 -13.08
C ARG A 197 16.54 5.78 -11.55
N LYS A 198 17.44 4.96 -11.03
CA LYS A 198 17.72 4.92 -9.60
C LYS A 198 18.18 6.28 -9.08
N GLY A 199 19.01 6.96 -9.87
CA GLY A 199 19.48 8.31 -9.53
C GLY A 199 18.38 9.34 -9.56
N VAL A 200 17.47 9.22 -10.51
CA VAL A 200 16.31 10.12 -10.58
C VAL A 200 15.44 9.96 -9.34
N ILE A 201 15.20 8.71 -8.92
CA ILE A 201 14.45 8.41 -7.69
C ILE A 201 15.14 9.09 -6.49
N GLU A 202 16.47 8.99 -6.41
CA GLU A 202 17.20 9.58 -5.28
C GLU A 202 17.20 11.09 -5.30
N LEU A 203 17.43 11.66 -6.48
CA LEU A 203 17.41 13.09 -6.67
C LEU A 203 16.08 13.66 -6.21
N MET A 204 15.01 12.95 -6.54
CA MET A 204 13.67 13.33 -6.12
C MET A 204 13.50 13.20 -4.61
N ARG A 205 13.97 12.09 -4.04
CA ARG A 205 13.83 11.85 -2.60
C ARG A 205 14.48 12.92 -1.73
N MET A 206 15.58 13.49 -2.20
CA MET A 206 16.34 14.45 -1.37
C MET A 206 15.72 15.84 -1.33
N LEU A 207 14.69 16.09 -2.14
CA LEU A 207 14.00 17.37 -2.14
C LEU A 207 12.96 17.39 -1.01
N ASP A 208 13.33 17.97 0.12
CA ASP A 208 12.46 17.97 1.31
C ASP A 208 11.29 18.95 1.20
N GLY A 209 11.44 19.98 0.37
CA GLY A 209 10.39 20.98 0.15
C GLY A 209 10.56 22.25 0.96
N GLY A 210 11.78 22.50 1.44
CA GLY A 210 12.09 23.72 2.17
C GLY A 210 12.58 24.80 1.22
N ASP A 211 13.21 25.83 1.78
CA ASP A 211 13.79 26.92 0.99
C ASP A 211 15.24 26.65 0.59
N ASN A 212 15.80 25.54 1.08
CA ASN A 212 17.14 25.09 0.67
C ASN A 212 17.25 24.98 -0.86
N PRO A 213 18.17 25.76 -1.47
CA PRO A 213 18.38 25.62 -2.92
C PRO A 213 19.19 24.37 -3.27
N LEU A 214 19.12 23.94 -4.53
CA LEU A 214 19.84 22.77 -5.03
C LEU A 214 21.08 23.21 -5.81
N ARG A 215 22.25 22.64 -5.50
CA ARG A 215 23.49 22.94 -6.23
C ARG A 215 23.91 21.71 -7.04
N VAL A 216 23.98 21.86 -8.35
CA VAL A 216 24.31 20.75 -9.24
C VAL A 216 25.71 20.88 -9.82
N GLN A 217 26.42 19.77 -9.87
CA GLN A 217 27.72 19.68 -10.53
C GLN A 217 27.71 18.48 -11.43
N ILE A 218 28.07 18.68 -12.70
CA ILE A 218 28.14 17.62 -13.69
C ILE A 218 29.58 17.42 -14.15
N GLY A 219 30.01 16.17 -14.12
CA GLY A 219 31.30 15.75 -14.68
C GLY A 219 31.03 14.99 -15.97
N SER A 220 32.08 14.44 -16.57
CA SER A 220 31.91 13.69 -17.83
C SER A 220 31.17 12.38 -17.63
N ASN A 221 31.28 11.79 -16.43
CA ASN A 221 30.65 10.51 -16.11
C ASN A 221 29.83 10.48 -14.81
N ASN A 222 29.74 11.62 -14.13
CA ASN A 222 28.99 11.72 -12.88
C ASN A 222 28.15 12.98 -12.77
N ILE A 223 27.15 12.90 -11.90
CA ILE A 223 26.38 14.08 -11.50
C ILE A 223 26.32 14.10 -9.97
N ARG A 224 26.34 15.30 -9.42
CA ARG A 224 26.31 15.50 -7.98
C ARG A 224 25.30 16.59 -7.67
N ALA A 225 24.50 16.38 -6.63
CA ALA A 225 23.52 17.38 -6.16
C ALA A 225 23.72 17.63 -4.68
N HIS A 226 23.88 18.90 -4.31
CA HIS A 226 23.97 19.30 -2.91
C HIS A 226 22.68 20.02 -2.53
N VAL A 227 22.03 19.54 -1.47
CA VAL A 227 20.96 20.31 -0.82
C VAL A 227 21.08 20.16 0.70
N GLY A 228 21.02 21.30 1.39
CA GLY A 228 21.29 21.35 2.82
C GLY A 228 22.60 20.67 3.13
N ASP A 229 22.58 19.76 4.09
CA ASP A 229 23.78 19.02 4.50
C ASP A 229 23.82 17.59 3.91
N PHE A 230 23.29 17.45 2.69
CA PHE A 230 23.30 16.19 1.93
C PHE A 230 24.02 16.37 0.60
N ILE A 231 24.83 15.38 0.23
CA ILE A 231 25.49 15.35 -1.07
C ILE A 231 25.19 13.99 -1.70
N PHE A 232 24.50 14.03 -2.83
CA PHE A 232 24.19 12.84 -3.62
C PHE A 232 25.06 12.83 -4.87
N THR A 233 25.69 11.70 -5.15
CA THR A 233 26.49 11.52 -6.37
C THR A 233 26.01 10.27 -7.10
N SER A 234 25.88 10.37 -8.41
CA SER A 234 25.53 9.23 -9.26
C SER A 234 26.40 9.18 -10.50
N LYS A 235 26.68 7.95 -10.95
CA LYS A 235 27.26 7.76 -12.26
C LYS A 235 26.22 8.06 -13.30
N LEU A 236 26.68 8.42 -14.49
CA LEU A 236 25.80 8.72 -15.61
C LEU A 236 25.73 7.52 -16.52
N VAL A 237 24.82 7.58 -17.49
CA VAL A 237 24.60 6.51 -18.43
C VAL A 237 25.09 6.99 -19.78
N ASP A 238 25.86 6.15 -20.46
CA ASP A 238 26.34 6.48 -21.79
C ASP A 238 25.31 5.99 -22.81
N GLY A 239 25.31 6.61 -23.98
CA GLY A 239 24.36 6.30 -25.04
C GLY A 239 23.82 7.54 -25.73
N ARG A 240 23.18 7.34 -26.87
CA ARG A 240 22.70 8.43 -27.71
C ARG A 240 21.22 8.66 -27.47
N PHE A 241 20.90 9.56 -26.54
CA PHE A 241 19.50 9.79 -26.20
C PHE A 241 18.81 10.47 -27.39
N PRO A 242 17.58 10.04 -27.73
CA PRO A 242 16.88 10.67 -28.85
C PRO A 242 16.62 12.15 -28.63
N ASP A 243 16.58 12.89 -29.74
CA ASP A 243 16.42 14.34 -29.74
C ASP A 243 14.95 14.70 -29.77
N TYR A 244 14.45 15.31 -28.70
CA TYR A 244 13.01 15.63 -28.61
C TYR A 244 12.52 16.57 -29.72
N ARG A 245 13.43 17.40 -30.23
CA ARG A 245 13.13 18.33 -31.33
C ARG A 245 12.69 17.56 -32.58
N ARG A 246 13.31 16.42 -32.83
CA ARG A 246 12.92 15.52 -33.93
C ARG A 246 11.59 14.79 -33.71
N VAL A 247 11.15 14.72 -32.45
CA VAL A 247 9.94 13.96 -32.10
C VAL A 247 8.70 14.85 -32.10
N LEU A 248 8.84 16.11 -31.71
CA LEU A 248 7.72 17.04 -31.69
C LEU A 248 7.14 17.16 -33.11
N PRO A 249 5.81 17.00 -33.26
CA PRO A 249 5.18 17.21 -34.57
C PRO A 249 5.62 18.51 -35.24
N LYS A 250 5.94 18.45 -36.53
CA LYS A 250 6.43 19.66 -37.23
C LYS A 250 5.37 20.75 -37.31
N ASN A 251 4.10 20.37 -37.43
CA ASN A 251 3.03 21.34 -37.59
C ASN A 251 1.66 20.76 -37.20
N PRO A 252 1.42 20.62 -35.89
CA PRO A 252 0.18 20.03 -35.42
C PRO A 252 -0.91 21.10 -35.29
N ASP A 253 -1.37 21.60 -36.44
CA ASP A 253 -2.27 22.76 -36.46
C ASP A 253 -3.77 22.45 -36.22
N LYS A 254 -4.11 21.19 -35.93
CA LYS A 254 -5.45 20.85 -35.45
C LYS A 254 -5.46 20.94 -33.93
N HIS A 255 -6.08 21.99 -33.37
CA HIS A 255 -6.04 22.25 -31.93
C HIS A 255 -7.38 21.98 -31.22
N LEU A 256 -7.35 21.01 -30.30
CA LEU A 256 -8.50 20.65 -29.46
C LEU A 256 -8.22 21.04 -28.01
N GLU A 257 -9.15 21.75 -27.37
CA GLU A 257 -9.04 22.01 -25.93
C GLU A 257 -10.19 21.39 -25.18
N ALA A 258 -9.88 20.80 -24.02
CA ALA A 258 -10.85 20.13 -23.18
C ALA A 258 -10.50 20.32 -21.71
N GLY A 259 -11.48 20.09 -20.84
CA GLY A 259 -11.22 20.07 -19.39
C GLY A 259 -10.44 18.80 -19.05
N CYS A 260 -9.40 18.94 -18.25
CA CYS A 260 -8.49 17.83 -17.97
C CYS A 260 -9.16 16.70 -17.17
N ASP A 261 -9.87 17.07 -16.09
CA ASP A 261 -10.56 16.09 -15.25
C ASP A 261 -11.66 15.36 -16.03
N LEU A 262 -12.44 16.12 -16.80
CA LEU A 262 -13.49 15.54 -17.63
C LEU A 262 -12.91 14.59 -18.66
N LEU A 263 -11.90 15.05 -19.39
CA LEU A 263 -11.25 14.22 -20.40
C LEU A 263 -10.66 12.94 -19.79
N LYS A 264 -9.95 13.07 -18.68
CA LYS A 264 -9.34 11.93 -17.99
C LYS A 264 -10.37 10.88 -17.57
N GLN A 265 -11.44 11.33 -16.92
CA GLN A 265 -12.44 10.39 -16.39
C GLN A 265 -13.21 9.70 -17.51
N ALA A 266 -13.38 10.38 -18.64
CA ALA A 266 -13.97 9.78 -19.85
C ALA A 266 -13.06 8.68 -20.43
N PHE A 267 -11.77 8.99 -20.58
CA PHE A 267 -10.80 7.98 -21.00
C PHE A 267 -10.74 6.83 -19.99
N ALA A 268 -10.78 7.16 -18.70
CA ALA A 268 -10.72 6.14 -17.65
C ALA A 268 -11.89 5.16 -17.74
N ARG A 269 -13.10 5.68 -17.95
CA ARG A 269 -14.27 4.80 -18.13
C ARG A 269 -14.19 3.96 -19.41
N ALA A 270 -13.88 4.61 -20.54
CA ALA A 270 -13.75 3.90 -21.82
C ALA A 270 -12.70 2.80 -21.74
N ALA A 271 -11.61 3.06 -21.03
CA ALA A 271 -10.52 2.10 -20.88
C ALA A 271 -10.98 0.77 -20.27
N ILE A 272 -12.04 0.81 -19.46
CA ILE A 272 -12.56 -0.40 -18.81
C ILE A 272 -12.93 -1.45 -19.84
N LEU A 273 -13.46 -1.03 -20.99
CA LEU A 273 -13.86 -1.97 -22.04
C LEU A 273 -12.90 -1.99 -23.24
N SER A 274 -11.66 -1.54 -23.03
CA SER A 274 -10.59 -1.68 -24.03
C SER A 274 -9.88 -3.03 -23.87
N ASN A 275 -9.17 -3.45 -24.92
CA ASN A 275 -8.37 -4.69 -24.87
C ASN A 275 -7.43 -4.64 -23.67
N GLU A 276 -7.46 -5.68 -22.84
CA GLU A 276 -6.68 -5.69 -21.59
C GLU A 276 -5.16 -5.58 -21.81
N LYS A 277 -4.68 -6.05 -22.96
CA LYS A 277 -3.25 -5.98 -23.28
C LYS A 277 -2.88 -4.76 -24.11
N PHE A 278 -3.64 -4.49 -25.17
CA PHE A 278 -3.33 -3.43 -26.14
C PHE A 278 -3.95 -2.07 -25.82
N ARG A 279 -5.04 -2.08 -25.06
CA ARG A 279 -5.61 -0.87 -24.44
C ARG A 279 -6.00 0.22 -25.45
N GLY A 280 -6.42 -0.21 -26.63
CA GLY A 280 -6.73 0.72 -27.71
C GLY A 280 -8.07 1.40 -27.52
N VAL A 281 -8.08 2.72 -27.72
CA VAL A 281 -9.33 3.48 -27.82
C VAL A 281 -9.28 4.34 -29.08
N ARG A 282 -10.45 4.65 -29.64
CA ARG A 282 -10.55 5.52 -30.81
C ARG A 282 -11.13 6.88 -30.43
N LEU A 283 -10.51 7.93 -30.97
CA LEU A 283 -10.99 9.30 -30.81
C LEU A 283 -11.59 9.75 -32.13
N TYR A 284 -12.81 10.29 -32.09
CA TYR A 284 -13.42 10.95 -33.25
C TYR A 284 -13.59 12.41 -32.93
N VAL A 285 -12.80 13.27 -33.58
CA VAL A 285 -12.88 14.72 -33.34
C VAL A 285 -13.71 15.38 -34.42
N SER A 286 -14.66 16.22 -33.99
CA SER A 286 -15.43 17.05 -34.92
C SER A 286 -15.74 18.38 -34.24
N GLU A 287 -16.50 19.24 -34.93
CA GLU A 287 -16.75 20.60 -34.45
C GLU A 287 -17.20 20.63 -33.00
N ASN A 288 -16.31 21.09 -32.13
CA ASN A 288 -16.57 21.23 -30.70
C ASN A 288 -17.07 19.95 -30.02
N GLN A 289 -16.62 18.81 -30.51
CA GLN A 289 -17.03 17.54 -29.96
C GLN A 289 -15.96 16.47 -30.12
N LEU A 290 -15.81 15.66 -29.07
CA LEU A 290 -14.95 14.48 -29.08
C LEU A 290 -15.78 13.26 -28.69
N LYS A 291 -15.70 12.22 -29.50
CA LYS A 291 -16.27 10.92 -29.16
C LYS A 291 -15.13 9.96 -28.90
N ILE A 292 -15.15 9.29 -27.75
CA ILE A 292 -14.17 8.27 -27.43
C ILE A 292 -14.87 6.93 -27.40
N THR A 293 -14.31 5.93 -28.09
CA THR A 293 -14.88 4.59 -28.05
C THR A 293 -13.84 3.54 -27.73
N ALA A 294 -14.33 2.44 -27.15
CA ALA A 294 -13.51 1.29 -26.83
C ALA A 294 -14.29 0.01 -27.03
N ASN A 295 -13.58 -1.04 -27.42
CA ASN A 295 -14.15 -2.36 -27.42
C ASN A 295 -13.06 -3.41 -27.26
N ASN A 296 -13.49 -4.62 -26.94
CA ASN A 296 -12.59 -5.71 -26.60
C ASN A 296 -13.03 -6.98 -27.32
N PRO A 297 -12.26 -8.07 -27.21
CA PRO A 297 -12.62 -9.31 -27.91
C PRO A 297 -13.98 -9.91 -27.51
N GLU A 298 -14.42 -9.63 -26.28
CA GLU A 298 -15.73 -10.08 -25.83
C GLU A 298 -16.88 -9.24 -26.40
N GLN A 299 -16.56 -8.35 -27.36
CA GLN A 299 -17.56 -7.55 -28.07
C GLN A 299 -18.26 -6.53 -27.15
N GLU A 300 -17.64 -6.23 -26.02
CA GLU A 300 -18.15 -5.20 -25.14
C GLU A 300 -17.71 -3.85 -25.69
N GLU A 301 -18.49 -2.81 -25.40
CA GLU A 301 -18.27 -1.49 -26.01
C GLU A 301 -18.50 -0.34 -25.04
N ALA A 302 -17.58 0.63 -25.04
CA ALA A 302 -17.78 1.88 -24.32
C ALA A 302 -17.86 3.04 -25.30
N GLU A 303 -18.66 4.05 -24.97
CA GLU A 303 -18.72 5.28 -25.75
C GLU A 303 -18.86 6.48 -24.81
N GLU A 304 -17.96 7.45 -24.96
CA GLU A 304 -18.05 8.71 -24.26
C GLU A 304 -18.11 9.83 -25.30
N ILE A 305 -18.98 10.81 -25.06
CA ILE A 305 -19.05 12.02 -25.86
C ILE A 305 -18.80 13.20 -24.94
N LEU A 306 -17.92 14.11 -25.36
CA LEU A 306 -17.54 15.30 -24.58
C LEU A 306 -17.66 16.53 -25.47
N ASP A 307 -18.05 17.65 -24.88
CA ASP A 307 -17.93 18.95 -25.54
C ASP A 307 -16.48 19.43 -25.41
N VAL A 308 -15.90 19.89 -26.50
CA VAL A 308 -14.54 20.46 -26.48
C VAL A 308 -14.52 21.72 -27.34
N THR A 309 -13.43 22.45 -27.31
CA THR A 309 -13.18 23.48 -28.31
C THR A 309 -12.37 22.86 -29.43
N TYR A 310 -12.97 22.80 -30.61
CA TYR A 310 -12.29 22.29 -31.79
C TYR A 310 -12.92 22.88 -33.05
N SER A 311 -12.11 23.56 -33.84
CA SER A 311 -12.55 24.23 -35.08
C SER A 311 -11.98 23.57 -36.34
N GLY A 312 -10.97 22.71 -36.20
CA GLY A 312 -10.29 22.12 -37.36
C GLY A 312 -11.12 21.11 -38.10
N ALA A 313 -10.49 20.39 -39.03
CA ALA A 313 -11.15 19.37 -39.83
C ALA A 313 -11.41 18.10 -39.02
N GLU A 314 -12.44 17.35 -39.38
CA GLU A 314 -12.74 16.10 -38.70
C GLU A 314 -11.63 15.08 -38.92
N MET A 315 -11.41 14.23 -37.92
CA MET A 315 -10.48 13.12 -38.04
C MET A 315 -10.70 12.09 -36.94
N GLU A 316 -10.09 10.93 -37.16
CA GLU A 316 -10.24 9.77 -36.31
C GLU A 316 -8.83 9.27 -36.02
N ILE A 317 -8.56 8.85 -34.79
CA ILE A 317 -7.22 8.43 -34.41
C ILE A 317 -7.26 7.50 -33.20
N GLY A 318 -6.38 6.50 -33.21
CA GLY A 318 -6.31 5.49 -32.15
C GLY A 318 -5.12 5.69 -31.23
N PHE A 319 -5.32 5.40 -29.95
CA PHE A 319 -4.25 5.48 -28.95
C PHE A 319 -4.35 4.39 -27.91
N ASN A 320 -3.19 4.05 -27.34
CA ASN A 320 -3.12 3.31 -26.08
C ASN A 320 -3.64 4.24 -24.99
N VAL A 321 -4.75 3.85 -24.36
CA VAL A 321 -5.42 4.76 -23.44
C VAL A 321 -4.57 5.05 -22.20
N SER A 322 -3.73 4.09 -21.77
CA SER A 322 -2.88 4.31 -20.59
C SER A 322 -1.85 5.42 -20.83
N TYR A 323 -1.33 5.50 -22.05
CA TYR A 323 -0.42 6.58 -22.41
C TYR A 323 -1.09 7.94 -22.29
N VAL A 324 -2.34 8.03 -22.72
CA VAL A 324 -3.07 9.31 -22.63
C VAL A 324 -3.38 9.62 -21.17
N LEU A 325 -3.88 8.64 -20.45
CA LEU A 325 -4.15 8.81 -19.02
C LEU A 325 -2.90 9.21 -18.25
N ASP A 326 -1.76 8.58 -18.54
CA ASP A 326 -0.49 8.96 -17.90
C ASP A 326 -0.17 10.44 -18.06
N VAL A 327 -0.35 10.96 -19.27
CA VAL A 327 -0.10 12.38 -19.54
C VAL A 327 -1.02 13.26 -18.69
N LEU A 328 -2.31 12.96 -18.74
CA LEU A 328 -3.31 13.75 -18.01
C LEU A 328 -3.07 13.73 -16.49
N ASN A 329 -2.68 12.58 -15.96
CA ASN A 329 -2.37 12.47 -14.53
C ASN A 329 -1.11 13.26 -14.17
N ALA A 330 -0.15 13.31 -15.09
CA ALA A 330 1.08 14.07 -14.89
C ALA A 330 0.82 15.59 -15.02
N LEU A 331 -0.06 15.97 -15.94
CA LEU A 331 -0.33 17.39 -16.18
C LEU A 331 -0.97 18.07 -14.97
N LYS A 332 -1.99 17.44 -14.37
CA LYS A 332 -2.73 18.05 -13.25
C LYS A 332 -3.26 19.44 -13.62
N CYS A 333 -3.84 19.55 -14.81
CA CYS A 333 -4.21 20.83 -15.41
C CYS A 333 -5.70 21.14 -15.22
N GLU A 334 -6.07 22.37 -15.56
CA GLU A 334 -7.46 22.76 -15.65
C GLU A 334 -7.98 22.48 -17.06
N ASN A 335 -7.31 23.04 -18.07
CA ASN A 335 -7.59 22.73 -19.48
C ASN A 335 -6.36 22.15 -20.19
N VAL A 336 -6.60 21.22 -21.11
CA VAL A 336 -5.55 20.54 -21.87
C VAL A 336 -5.73 20.83 -23.36
N ARG A 337 -4.63 21.00 -24.08
CA ARG A 337 -4.67 21.15 -25.53
C ARG A 337 -4.02 19.94 -26.21
N MET A 338 -4.77 19.32 -27.12
CA MET A 338 -4.24 18.23 -27.95
C MET A 338 -4.01 18.77 -29.35
N MET A 339 -2.80 18.57 -29.86
CA MET A 339 -2.37 19.18 -31.10
C MET A 339 -2.15 18.07 -32.09
N LEU A 340 -2.99 18.05 -33.13
CA LEU A 340 -3.08 16.90 -33.99
C LEU A 340 -2.61 17.21 -35.40
N THR A 341 -2.20 16.14 -36.09
CA THR A 341 -1.67 16.21 -37.44
C THR A 341 -2.57 15.39 -38.37
N ASP A 342 -2.53 14.07 -38.25
CA ASP A 342 -3.43 13.19 -38.98
C ASP A 342 -3.54 11.83 -38.29
N SER A 343 -4.37 10.95 -38.84
CA SER A 343 -4.67 9.66 -38.22
C SER A 343 -3.46 8.74 -38.01
N VAL A 344 -2.35 9.01 -38.69
CA VAL A 344 -1.18 8.13 -38.64
C VAL A 344 0.07 8.83 -38.11
N SER A 345 -0.11 9.99 -37.47
CA SER A 345 0.99 10.74 -36.90
C SER A 345 0.79 10.96 -35.40
N SER A 346 1.87 11.29 -34.71
CA SER A 346 1.81 11.50 -33.25
C SER A 346 0.98 12.71 -32.87
N VAL A 347 0.54 12.74 -31.61
CA VAL A 347 -0.19 13.87 -31.03
C VAL A 347 0.71 14.54 -30.01
N GLN A 348 0.73 15.87 -30.03
CA GLN A 348 1.39 16.62 -28.98
C GLN A 348 0.33 17.04 -27.98
N ILE A 349 0.63 16.88 -26.70
CA ILE A 349 -0.32 17.23 -25.63
C ILE A 349 0.37 18.17 -24.64
N GLU A 350 -0.36 19.21 -24.24
CA GLU A 350 0.14 20.22 -23.31
C GLU A 350 -0.98 20.75 -22.44
N ASP A 351 -0.61 21.28 -21.28
CA ASP A 351 -1.50 22.10 -20.47
C ASP A 351 -1.83 23.35 -21.29
N ALA A 352 -3.11 23.66 -21.43
CA ALA A 352 -3.54 24.83 -22.22
C ALA A 352 -2.91 26.12 -21.71
N ALA A 353 -2.62 26.18 -20.42
CA ALA A 353 -2.14 27.38 -19.76
C ALA A 353 -0.61 27.53 -19.77
N SER A 354 0.12 26.44 -20.02
CA SER A 354 1.59 26.46 -19.98
C SER A 354 2.22 25.60 -21.07
N GLN A 355 3.29 26.12 -21.66
CA GLN A 355 4.08 25.36 -22.62
C GLN A 355 5.40 24.81 -22.02
N SER A 356 5.55 24.90 -20.70
CA SER A 356 6.75 24.41 -20.02
C SER A 356 6.98 22.92 -20.22
N ALA A 357 5.88 22.17 -20.33
CA ALA A 357 5.93 20.74 -20.57
C ALA A 357 5.13 20.40 -21.81
N ALA A 358 5.63 19.41 -22.54
CA ALA A 358 4.93 18.88 -23.71
C ALA A 358 5.12 17.37 -23.74
N TYR A 359 4.11 16.70 -24.25
CA TYR A 359 4.05 15.25 -24.29
C TYR A 359 3.70 14.84 -25.71
N VAL A 360 4.41 13.86 -26.24
CA VAL A 360 4.15 13.37 -27.59
C VAL A 360 3.82 11.88 -27.48
N VAL A 361 2.69 11.51 -28.07
CA VAL A 361 2.21 10.12 -28.06
C VAL A 361 1.92 9.67 -29.48
N MET A 362 2.45 8.50 -29.83
CA MET A 362 2.33 7.89 -31.16
C MET A 362 1.05 7.06 -31.20
N PRO A 363 0.29 7.13 -32.31
CA PRO A 363 -0.98 6.42 -32.38
C PRO A 363 -0.86 4.93 -32.62
N MET A 364 -1.98 4.25 -32.45
CA MET A 364 -2.11 2.81 -32.73
C MET A 364 -2.94 2.61 -33.99
N ARG A 365 -2.68 1.52 -34.70
CA ARG A 365 -3.60 1.04 -35.75
C ARG A 365 -4.49 -0.06 -35.18
N MET B 1 -35.57 -6.74 -18.37
CA MET B 1 -35.06 -6.15 -17.09
C MET B 1 -34.62 -4.71 -17.31
N LYS B 2 -35.08 -3.83 -16.43
CA LYS B 2 -34.83 -2.41 -16.55
C LYS B 2 -34.89 -1.74 -15.18
N PHE B 3 -33.89 -0.91 -14.88
CA PHE B 3 -33.91 -0.08 -13.70
C PHE B 3 -33.05 1.16 -13.89
N THR B 4 -33.41 2.22 -13.16
CA THR B 4 -32.64 3.46 -13.11
C THR B 4 -32.37 3.78 -11.65
N VAL B 5 -31.11 3.94 -11.29
CA VAL B 5 -30.70 4.07 -9.89
C VAL B 5 -29.57 5.09 -9.76
N GLU B 6 -29.51 5.77 -8.62
CA GLU B 6 -28.39 6.66 -8.31
C GLU B 6 -27.12 5.85 -8.12
N ARG B 7 -26.01 6.40 -8.60
CA ARG B 7 -24.69 5.76 -8.49
C ARG B 7 -24.41 5.24 -7.08
N GLU B 8 -24.62 6.08 -6.08
CA GLU B 8 -24.20 5.76 -4.71
C GLU B 8 -25.02 4.61 -4.13
N HIS B 9 -26.27 4.49 -4.60
CA HIS B 9 -27.13 3.41 -4.14
C HIS B 9 -26.72 2.04 -4.69
N LEU B 10 -25.79 2.03 -5.65
CA LEU B 10 -25.27 0.79 -6.23
C LEU B 10 -23.87 0.42 -5.71
N LEU B 11 -23.07 1.41 -5.34
CA LEU B 11 -21.66 1.19 -5.00
C LEU B 11 -21.44 0.37 -3.74
N LYS B 12 -22.10 0.74 -2.65
CA LYS B 12 -21.96 -0.03 -1.42
C LYS B 12 -22.40 -1.47 -1.67
N PRO B 13 -23.62 -1.68 -2.19
CA PRO B 13 -24.01 -3.05 -2.53
C PRO B 13 -23.03 -3.77 -3.44
N LEU B 14 -22.57 -3.11 -4.50
CA LEU B 14 -21.63 -3.73 -5.43
C LEU B 14 -20.34 -4.14 -4.74
N GLN B 15 -19.82 -3.25 -3.89
CA GLN B 15 -18.67 -3.54 -3.04
C GLN B 15 -18.87 -4.83 -2.24
N GLN B 16 -19.99 -4.93 -1.55
CA GLN B 16 -20.29 -6.08 -0.69
C GLN B 16 -20.38 -7.39 -1.45
N VAL B 17 -21.07 -7.37 -2.58
CA VAL B 17 -21.33 -8.62 -3.29
C VAL B 17 -20.12 -9.07 -4.11
N SER B 18 -19.15 -8.18 -4.31
CA SER B 18 -17.87 -8.52 -4.96
C SER B 18 -16.91 -9.31 -4.07
N GLY B 19 -17.11 -9.23 -2.75
CA GLY B 19 -16.24 -9.89 -1.77
C GLY B 19 -15.83 -11.35 -2.01
N PRO B 20 -16.83 -12.26 -2.13
CA PRO B 20 -16.59 -13.72 -2.27
C PRO B 20 -15.55 -14.15 -3.32
N LEU B 27 -14.45 -20.69 -12.97
CA LEU B 27 -15.47 -20.59 -14.02
C LEU B 27 -16.06 -19.17 -14.12
N PRO B 28 -16.24 -18.67 -15.36
CA PRO B 28 -16.62 -17.30 -15.69
C PRO B 28 -17.81 -16.70 -14.94
N ILE B 29 -18.87 -17.47 -14.74
CA ILE B 29 -20.07 -16.89 -14.13
C ILE B 29 -19.81 -16.49 -12.66
N LEU B 30 -18.82 -17.11 -12.00
CA LEU B 30 -18.42 -16.72 -10.64
C LEU B 30 -17.77 -15.34 -10.59
N GLY B 31 -17.33 -14.85 -11.74
CA GLY B 31 -16.83 -13.49 -11.89
C GLY B 31 -17.96 -12.50 -12.16
N ASN B 32 -19.16 -13.01 -12.39
CA ASN B 32 -20.34 -12.17 -12.59
C ASN B 32 -21.18 -12.02 -11.34
N LEU B 33 -22.04 -11.01 -11.34
CA LEU B 33 -23.05 -10.80 -10.31
C LEU B 33 -24.42 -11.07 -10.89
N LEU B 34 -25.23 -11.82 -10.17
CA LEU B 34 -26.63 -11.97 -10.50
C LEU B 34 -27.36 -10.69 -10.16
N LEU B 35 -28.03 -10.10 -11.15
CA LEU B 35 -28.92 -8.97 -10.92
C LEU B 35 -30.37 -9.44 -11.10
N GLN B 36 -31.25 -9.09 -10.15
CA GLN B 36 -32.67 -9.46 -10.23
C GLN B 36 -33.56 -8.28 -9.90
N VAL B 37 -34.44 -7.89 -10.82
CA VAL B 37 -35.46 -6.89 -10.52
C VAL B 37 -36.77 -7.63 -10.25
N ALA B 38 -37.33 -7.40 -9.07
CA ALA B 38 -38.61 -8.00 -8.68
C ALA B 38 -39.22 -7.25 -7.50
N ASP B 39 -40.52 -7.00 -7.57
CA ASP B 39 -41.29 -6.43 -6.45
C ASP B 39 -40.63 -5.17 -5.89
N GLY B 40 -40.34 -4.22 -6.77
CA GLY B 40 -39.74 -2.93 -6.41
C GLY B 40 -38.31 -2.98 -5.89
N THR B 41 -37.62 -4.10 -6.13
CA THR B 41 -36.30 -4.31 -5.54
C THR B 41 -35.31 -4.85 -6.56
N LEU B 42 -34.11 -4.27 -6.56
CA LEU B 42 -32.98 -4.82 -7.28
C LEU B 42 -32.15 -5.63 -6.28
N SER B 43 -31.98 -6.92 -6.57
CA SER B 43 -31.09 -7.78 -5.79
C SER B 43 -29.79 -8.07 -6.55
N LEU B 44 -28.68 -8.01 -5.82
CA LEU B 44 -27.36 -8.31 -6.36
C LEU B 44 -26.74 -9.44 -5.56
N THR B 45 -26.25 -10.46 -6.24
CA THR B 45 -25.68 -11.62 -5.57
C THR B 45 -24.32 -11.94 -6.19
N GLY B 46 -23.33 -12.11 -5.32
CA GLY B 46 -22.03 -12.68 -5.70
C GLY B 46 -21.79 -13.93 -4.88
N THR B 47 -21.04 -14.87 -5.45
CA THR B 47 -20.74 -16.14 -4.77
C THR B 47 -19.41 -16.69 -5.26
N ASP B 48 -18.82 -17.58 -4.47
CA ASP B 48 -17.69 -18.39 -4.89
C ASP B 48 -18.00 -19.89 -4.74
N LEU B 49 -19.29 -20.22 -4.65
CA LEU B 49 -19.79 -21.59 -4.40
C LEU B 49 -19.73 -22.06 -2.94
N GLU B 50 -18.80 -21.51 -2.15
CA GLU B 50 -18.71 -21.85 -0.73
C GLU B 50 -19.56 -20.86 0.08
N MET B 51 -19.46 -19.58 -0.27
CA MET B 51 -20.23 -18.53 0.37
C MET B 51 -20.86 -17.60 -0.66
N GLU B 52 -21.80 -16.80 -0.19
CA GLU B 52 -22.62 -15.95 -1.07
C GLU B 52 -22.98 -14.66 -0.32
N MET B 53 -23.06 -13.56 -1.06
CA MET B 53 -23.54 -12.30 -0.51
C MET B 53 -24.65 -11.73 -1.38
N VAL B 54 -25.78 -11.40 -0.75
CA VAL B 54 -26.93 -10.82 -1.42
C VAL B 54 -27.16 -9.41 -0.90
N ALA B 55 -27.28 -8.45 -1.80
CA ALA B 55 -27.63 -7.09 -1.43
C ALA B 55 -28.92 -6.68 -2.13
N ARG B 56 -29.78 -5.99 -1.40
CA ARG B 56 -31.05 -5.53 -1.92
C ARG B 56 -31.09 -4.00 -1.94
N VAL B 57 -31.56 -3.45 -3.05
CA VAL B 57 -31.69 -2.00 -3.18
C VAL B 57 -33.07 -1.63 -3.71
N ALA B 58 -33.68 -0.65 -3.05
CA ALA B 58 -35.02 -0.21 -3.32
C ALA B 58 -35.04 0.56 -4.62
N LEU B 59 -36.02 0.29 -5.47
CA LEU B 59 -36.16 0.98 -6.76
C LEU B 59 -37.29 2.01 -6.68
N VAL B 60 -36.95 3.28 -6.57
CA VAL B 60 -37.95 4.37 -6.48
C VAL B 60 -38.34 4.91 -7.85
N GLN B 61 -37.54 4.62 -8.87
CA GLN B 61 -37.86 5.01 -10.24
C GLN B 61 -38.51 3.83 -10.97
N PRO B 62 -39.20 4.13 -12.08
CA PRO B 62 -39.83 3.06 -12.87
C PRO B 62 -38.86 1.95 -13.24
N HIS B 63 -39.35 0.72 -13.25
CA HIS B 63 -38.49 -0.45 -13.47
C HIS B 63 -39.29 -1.58 -14.09
N GLU B 64 -38.59 -2.53 -14.69
CA GLU B 64 -39.20 -3.70 -15.30
C GLU B 64 -38.50 -4.94 -14.80
N PRO B 65 -39.25 -5.99 -14.47
CA PRO B 65 -38.63 -7.18 -13.88
C PRO B 65 -37.83 -7.99 -14.89
N GLY B 66 -37.04 -8.92 -14.35
CA GLY B 66 -36.14 -9.76 -15.13
C GLY B 66 -34.85 -9.98 -14.37
N ALA B 67 -34.01 -10.86 -14.87
CA ALA B 67 -32.72 -11.09 -14.27
C ALA B 67 -31.66 -11.36 -15.32
N THR B 68 -30.41 -11.09 -14.96
CA THR B 68 -29.26 -11.46 -15.76
C THR B 68 -28.05 -11.53 -14.83
N THR B 69 -26.89 -11.85 -15.41
CA THR B 69 -25.61 -11.76 -14.71
C THR B 69 -24.62 -10.96 -15.57
N VAL B 70 -23.76 -10.18 -14.91
CA VAL B 70 -22.85 -9.25 -15.57
C VAL B 70 -21.47 -9.31 -14.91
N PRO B 71 -20.37 -9.08 -15.69
CA PRO B 71 -19.04 -9.06 -15.08
C PRO B 71 -18.96 -8.08 -13.91
N ALA B 72 -18.57 -8.59 -12.74
CA ALA B 72 -18.64 -7.82 -11.49
C ALA B 72 -17.68 -6.64 -11.50
N ARG B 73 -16.41 -6.93 -11.76
CA ARG B 73 -15.37 -5.90 -11.73
C ARG B 73 -15.59 -4.82 -12.78
N LYS B 74 -15.88 -5.21 -14.02
CA LYS B 74 -16.18 -4.22 -15.05
C LYS B 74 -17.39 -3.37 -14.70
N PHE B 75 -18.46 -4.00 -14.20
CA PHE B 75 -19.68 -3.26 -13.88
C PHE B 75 -19.46 -2.32 -12.70
N PHE B 76 -18.74 -2.78 -11.70
CA PHE B 76 -18.36 -1.96 -10.55
C PHE B 76 -17.49 -0.77 -10.98
N ASP B 77 -16.48 -1.06 -11.79
CA ASP B 77 -15.55 -0.02 -12.21
C ASP B 77 -16.25 1.07 -13.02
N ILE B 78 -17.18 0.69 -13.89
CA ILE B 78 -17.95 1.66 -14.66
C ILE B 78 -18.78 2.55 -13.72
N CYS B 79 -19.53 1.92 -12.83
CA CYS B 79 -20.32 2.66 -11.86
C CYS B 79 -19.48 3.61 -11.01
N ARG B 80 -18.37 3.10 -10.48
CA ARG B 80 -17.47 3.93 -9.67
C ARG B 80 -16.81 5.03 -10.51
N GLY B 81 -16.57 4.74 -11.79
CA GLY B 81 -15.94 5.71 -12.69
C GLY B 81 -16.86 6.84 -13.14
N LEU B 82 -18.17 6.65 -13.01
CA LEU B 82 -19.12 7.70 -13.31
C LEU B 82 -19.08 8.77 -12.21
N PRO B 83 -19.56 9.99 -12.51
CA PRO B 83 -19.40 11.05 -11.53
C PRO B 83 -20.37 10.92 -10.35
N GLU B 84 -20.00 11.53 -9.22
CA GLU B 84 -20.81 11.50 -7.99
C GLU B 84 -22.27 11.90 -8.28
N GLY B 85 -23.20 11.08 -7.80
CA GLY B 85 -24.63 11.38 -7.94
C GLY B 85 -25.25 11.04 -9.28
N ALA B 86 -24.47 10.48 -10.19
CA ALA B 86 -24.95 10.15 -11.54
C ALA B 86 -26.12 9.19 -11.48
N GLU B 87 -27.04 9.31 -12.44
CA GLU B 87 -28.12 8.35 -12.58
C GLU B 87 -27.71 7.30 -13.60
N ILE B 88 -27.85 6.04 -13.20
CA ILE B 88 -27.38 4.91 -13.99
C ILE B 88 -28.59 4.11 -14.46
N ALA B 89 -28.83 4.16 -15.78
CA ALA B 89 -29.94 3.48 -16.42
C ALA B 89 -29.43 2.18 -17.00
N VAL B 90 -30.09 1.08 -16.64
CA VAL B 90 -29.67 -0.23 -17.06
C VAL B 90 -30.84 -0.95 -17.73
N GLN B 91 -30.54 -1.63 -18.83
CA GLN B 91 -31.53 -2.45 -19.50
C GLN B 91 -30.87 -3.58 -20.27
N LEU B 92 -31.52 -4.74 -20.28
CA LEU B 92 -31.08 -5.87 -21.09
C LEU B 92 -31.36 -5.55 -22.55
N GLU B 93 -30.52 -6.07 -23.42
CA GLU B 93 -30.68 -5.90 -24.86
C GLU B 93 -29.91 -7.00 -25.59
N GLY B 94 -30.59 -8.10 -25.88
CA GLY B 94 -29.98 -9.27 -26.48
C GLY B 94 -29.12 -10.00 -25.47
N GLU B 95 -27.86 -10.25 -25.85
CA GLU B 95 -26.88 -10.87 -24.97
C GLU B 95 -26.11 -9.82 -24.17
N ARG B 96 -26.49 -8.55 -24.29
CA ARG B 96 -25.75 -7.47 -23.65
C ARG B 96 -26.60 -6.78 -22.60
N MET B 97 -25.92 -6.20 -21.62
CA MET B 97 -26.57 -5.29 -20.69
C MET B 97 -26.08 -3.90 -21.00
N LEU B 98 -27.04 -3.02 -21.26
CA LEU B 98 -26.76 -1.66 -21.64
C LEU B 98 -26.75 -0.79 -20.38
N VAL B 99 -25.66 -0.06 -20.20
CA VAL B 99 -25.54 0.87 -19.10
C VAL B 99 -25.36 2.26 -19.68
N ARG B 100 -26.17 3.20 -19.23
CA ARG B 100 -26.13 4.55 -19.74
C ARG B 100 -26.27 5.58 -18.62
N SER B 101 -25.45 6.61 -18.70
CA SER B 101 -25.47 7.70 -17.73
C SER B 101 -24.86 8.91 -18.41
N GLY B 102 -25.60 10.02 -18.43
CA GLY B 102 -25.21 11.19 -19.22
C GLY B 102 -24.98 10.81 -20.65
N ARG B 103 -23.81 11.17 -21.20
CA ARG B 103 -23.41 10.75 -22.55
C ARG B 103 -22.32 9.70 -22.47
N SER B 104 -22.37 8.89 -21.41
CA SER B 104 -21.52 7.73 -21.26
C SER B 104 -22.38 6.50 -21.50
N ARG B 105 -21.96 5.63 -22.43
CA ARG B 105 -22.71 4.42 -22.76
C ARG B 105 -21.81 3.20 -22.75
N PHE B 106 -22.32 2.10 -22.21
CA PHE B 106 -21.57 0.86 -22.09
C PHE B 106 -22.45 -0.33 -22.43
N SER B 107 -21.86 -1.33 -23.06
CA SER B 107 -22.55 -2.56 -23.41
C SER B 107 -21.70 -3.69 -22.86
N LEU B 108 -22.22 -4.37 -21.84
CA LEU B 108 -21.51 -5.45 -21.16
C LEU B 108 -22.07 -6.79 -21.57
N SER B 109 -21.19 -7.78 -21.67
CA SER B 109 -21.58 -9.15 -21.92
C SER B 109 -22.35 -9.69 -20.72
N THR B 110 -23.23 -10.66 -20.97
CA THR B 110 -23.98 -11.28 -19.88
C THR B 110 -23.90 -12.78 -19.95
N LEU B 111 -24.24 -13.43 -18.85
CA LEU B 111 -24.47 -14.87 -18.83
C LEU B 111 -25.82 -15.10 -18.19
N PRO B 112 -26.54 -16.17 -18.60
CA PRO B 112 -27.92 -16.36 -18.16
C PRO B 112 -28.09 -16.44 -16.65
N ALA B 113 -29.13 -15.81 -16.13
CA ALA B 113 -29.45 -15.86 -14.71
C ALA B 113 -29.71 -17.31 -14.27
N ALA B 114 -30.27 -18.11 -15.17
CA ALA B 114 -30.54 -19.52 -14.92
C ALA B 114 -29.28 -20.33 -14.57
N ASP B 115 -28.13 -19.90 -15.04
CA ASP B 115 -26.87 -20.62 -14.81
C ASP B 115 -26.14 -20.16 -13.56
N PHE B 116 -26.65 -19.10 -12.91
CA PHE B 116 -26.03 -18.60 -11.69
C PHE B 116 -26.28 -19.59 -10.56
N PRO B 117 -25.20 -20.06 -9.92
CA PRO B 117 -25.34 -21.16 -8.97
C PRO B 117 -25.99 -20.74 -7.64
N ASN B 118 -26.76 -21.65 -7.06
CA ASN B 118 -27.40 -21.44 -5.77
C ASN B 118 -26.74 -22.33 -4.74
N LEU B 119 -26.56 -21.80 -3.54
CA LEU B 119 -26.17 -22.62 -2.42
C LEU B 119 -27.32 -23.54 -2.12
N ASP B 120 -27.02 -24.73 -1.60
CA ASP B 120 -28.05 -25.68 -1.23
C ASP B 120 -28.98 -25.04 -0.19
N ASP B 121 -30.24 -25.45 -0.19
CA ASP B 121 -31.20 -25.01 0.83
C ASP B 121 -30.91 -25.72 2.16
N TRP B 122 -31.30 -25.10 3.28
CA TRP B 122 -30.97 -25.62 4.61
C TRP B 122 -31.86 -25.03 5.70
N GLN B 123 -31.88 -25.68 6.86
CA GLN B 123 -32.73 -25.26 7.98
C GLN B 123 -31.94 -24.58 9.11
N SER B 124 -32.48 -23.48 9.62
CA SER B 124 -31.88 -22.76 10.73
C SER B 124 -32.17 -23.47 12.05
N GLU B 125 -31.11 -23.80 12.80
CA GLU B 125 -31.27 -24.56 14.04
C GLU B 125 -31.01 -23.72 15.29
N VAL B 126 -30.07 -22.77 15.22
CA VAL B 126 -29.88 -21.82 16.31
C VAL B 126 -29.82 -20.38 15.76
N GLU B 127 -30.46 -19.45 16.48
CA GLU B 127 -30.55 -18.06 16.04
C GLU B 127 -30.35 -17.10 17.20
N PHE B 128 -29.77 -15.95 16.89
CA PHE B 128 -29.65 -14.86 17.86
C PHE B 128 -29.37 -13.55 17.15
N THR B 129 -29.76 -12.48 17.82
CA THR B 129 -29.52 -11.13 17.36
C THR B 129 -28.52 -10.50 18.31
N LEU B 130 -27.62 -9.68 17.77
CA LEU B 130 -26.69 -8.91 18.59
C LEU B 130 -26.35 -7.60 17.86
N PRO B 131 -25.84 -6.60 18.59
CA PRO B 131 -25.34 -5.40 17.90
C PRO B 131 -24.17 -5.74 16.95
N GLN B 132 -24.15 -5.10 15.79
CA GLN B 132 -23.02 -5.19 14.84
C GLN B 132 -21.67 -5.00 15.52
N ALA B 133 -21.60 -3.99 16.37
CA ALA B 133 -20.39 -3.66 17.09
C ALA B 133 -19.86 -4.83 17.92
N THR B 134 -20.77 -5.65 18.45
CA THR B 134 -20.37 -6.81 19.27
C THR B 134 -19.70 -7.87 18.41
N MET B 135 -20.29 -8.17 17.25
CA MET B 135 -19.71 -9.13 16.32
C MET B 135 -18.37 -8.63 15.78
N LYS B 136 -18.30 -7.34 15.51
CA LYS B 136 -17.05 -6.73 15.02
C LYS B 136 -15.96 -6.90 16.06
N ARG B 137 -16.30 -6.64 17.31
CA ARG B 137 -15.35 -6.80 18.40
C ARG B 137 -14.87 -8.26 18.47
N LEU B 138 -15.80 -9.20 18.48
CA LEU B 138 -15.46 -10.62 18.59
C LEU B 138 -14.50 -11.07 17.48
N ILE B 139 -14.80 -10.68 16.24
CA ILE B 139 -14.00 -11.09 15.10
C ILE B 139 -12.65 -10.38 15.09
N GLU B 140 -12.66 -9.07 15.28
CA GLU B 140 -11.43 -8.28 15.24
C GLU B 140 -10.46 -8.69 16.34
N ALA B 141 -10.99 -9.07 17.50
CA ALA B 141 -10.15 -9.50 18.61
C ALA B 141 -9.32 -10.75 18.31
N THR B 142 -9.83 -11.63 17.43
CA THR B 142 -9.24 -12.95 17.25
C THR B 142 -8.80 -13.30 15.82
N GLN B 143 -9.24 -12.52 14.85
CA GLN B 143 -9.07 -12.82 13.43
C GLN B 143 -7.62 -13.15 13.06
N PHE B 144 -6.69 -12.36 13.58
CA PHE B 144 -5.26 -12.49 13.24
C PHE B 144 -4.62 -13.83 13.64
N SER B 145 -5.26 -14.59 14.52
CA SER B 145 -4.68 -15.85 14.98
C SER B 145 -5.16 -17.08 14.22
N MET B 146 -6.03 -16.92 13.22
CA MET B 146 -6.44 -18.05 12.37
C MET B 146 -5.27 -18.52 11.51
N ALA B 147 -5.29 -19.79 11.12
CA ALA B 147 -4.30 -20.34 10.19
C ALA B 147 -4.68 -20.05 8.74
N HIS B 148 -3.68 -20.17 7.87
CA HIS B 148 -3.83 -20.04 6.40
C HIS B 148 -3.43 -21.36 5.73
N GLN B 149 -4.37 -21.95 4.99
CA GLN B 149 -4.07 -23.11 4.11
C GLN B 149 -3.38 -24.29 4.80
N ASP B 150 -3.54 -24.40 6.11
CA ASP B 150 -2.99 -25.52 6.87
C ASP B 150 -3.75 -26.78 6.47
N VAL B 151 -3.03 -27.90 6.35
CA VAL B 151 -3.68 -29.17 6.01
C VAL B 151 -4.65 -29.62 7.10
N ARG B 152 -4.41 -29.18 8.34
CA ARG B 152 -5.42 -29.27 9.39
C ARG B 152 -6.48 -28.23 9.05
N TYR B 153 -7.38 -28.61 8.14
CA TYR B 153 -8.30 -27.69 7.48
C TYR B 153 -9.17 -26.93 8.48
N TYR B 154 -9.54 -27.60 9.57
CA TYR B 154 -10.36 -27.01 10.64
C TYR B 154 -9.73 -25.80 11.36
N LEU B 155 -8.44 -25.53 11.12
CA LEU B 155 -7.75 -24.38 11.72
C LEU B 155 -7.84 -23.13 10.85
N ASN B 156 -8.18 -23.32 9.58
CA ASN B 156 -8.27 -22.22 8.64
C ASN B 156 -9.68 -21.64 8.69
N GLY B 157 -10.02 -21.16 9.87
CA GLY B 157 -11.37 -20.68 10.19
C GLY B 157 -11.41 -20.21 11.63
N MET B 158 -12.62 -19.90 12.11
CA MET B 158 -12.81 -19.34 13.44
C MET B 158 -13.98 -20.05 14.10
N LEU B 159 -13.78 -20.50 15.32
CA LEU B 159 -14.85 -21.12 16.09
C LEU B 159 -15.83 -20.04 16.54
N PHE B 160 -17.12 -20.31 16.39
CA PHE B 160 -18.17 -19.47 16.96
C PHE B 160 -18.93 -20.35 17.93
N GLU B 161 -18.92 -19.94 19.19
CA GLU B 161 -19.43 -20.77 20.27
C GLU B 161 -20.45 -19.99 21.08
N THR B 162 -21.61 -20.60 21.28
CA THR B 162 -22.63 -20.09 22.18
C THR B 162 -22.61 -20.90 23.48
N GLU B 163 -22.77 -20.21 24.59
CA GLU B 163 -22.83 -20.85 25.91
C GLU B 163 -23.50 -19.89 26.89
N GLY B 164 -24.61 -20.32 27.49
CA GLY B 164 -25.35 -19.46 28.40
C GLY B 164 -25.88 -18.25 27.67
N GLU B 165 -25.45 -17.06 28.07
CA GLU B 165 -25.87 -15.84 27.40
C GLU B 165 -24.76 -15.13 26.60
N GLU B 166 -23.63 -15.80 26.39
CA GLU B 166 -22.56 -15.18 25.62
C GLU B 166 -22.19 -15.91 24.33
N LEU B 167 -21.65 -15.14 23.39
CA LEU B 167 -21.10 -15.67 22.16
C LEU B 167 -19.58 -15.53 22.27
N ARG B 168 -18.87 -16.54 21.77
CA ARG B 168 -17.43 -16.59 21.86
C ARG B 168 -16.82 -16.94 20.50
N THR B 169 -15.73 -16.27 20.15
CA THR B 169 -14.91 -16.63 19.01
C THR B 169 -13.58 -17.17 19.51
N VAL B 170 -13.08 -18.20 18.82
CA VAL B 170 -11.76 -18.73 19.07
C VAL B 170 -11.05 -18.86 17.72
N ALA B 171 -9.76 -18.54 17.70
CA ALA B 171 -8.93 -18.71 16.52
C ALA B 171 -7.53 -19.14 16.92
N THR B 172 -6.94 -20.05 16.17
CA THR B 172 -5.60 -20.52 16.47
C THR B 172 -4.97 -21.11 15.20
N ASP B 173 -3.65 -21.02 15.10
CA ASP B 173 -2.93 -21.60 13.98
C ASP B 173 -2.12 -22.83 14.43
N GLY B 174 -2.40 -23.30 15.63
CA GLY B 174 -1.65 -24.40 16.23
C GLY B 174 -0.41 -23.93 16.99
N HIS B 175 -0.18 -22.62 17.02
CA HIS B 175 0.97 -22.07 17.75
C HIS B 175 0.57 -21.01 18.77
N ARG B 176 -0.23 -20.03 18.35
CA ARG B 176 -0.77 -19.04 19.27
C ARG B 176 -2.30 -19.02 19.18
N LEU B 177 -2.95 -18.59 20.25
CA LEU B 177 -4.41 -18.64 20.35
C LEU B 177 -4.99 -17.30 20.77
N ALA B 178 -6.13 -16.95 20.19
CA ALA B 178 -6.93 -15.82 20.62
C ALA B 178 -8.35 -16.30 20.97
N VAL B 179 -8.92 -15.72 22.02
CA VAL B 179 -10.31 -15.98 22.40
C VAL B 179 -10.98 -14.68 22.85
N CYS B 180 -12.22 -14.48 22.42
CA CYS B 180 -12.99 -13.34 22.88
C CYS B 180 -14.43 -13.74 23.18
N SER B 181 -14.93 -13.36 24.36
CA SER B 181 -16.27 -13.72 24.81
C SER B 181 -17.04 -12.47 25.19
N MET B 182 -18.28 -12.39 24.73
CA MET B 182 -19.14 -11.23 24.96
C MET B 182 -20.59 -11.65 25.26
N PRO B 183 -21.18 -11.11 26.34
CA PRO B 183 -22.59 -11.37 26.61
C PRO B 183 -23.52 -10.66 25.61
N ILE B 184 -24.54 -11.37 25.14
CA ILE B 184 -25.47 -10.81 24.15
C ILE B 184 -26.93 -10.81 24.62
N GLY B 185 -27.14 -11.02 25.92
CA GLY B 185 -28.47 -10.82 26.53
C GLY B 185 -29.56 -11.77 26.06
N GLN B 186 -29.18 -12.99 25.67
CA GLN B 186 -30.13 -14.01 25.23
C GLN B 186 -29.67 -15.37 25.72
N SER B 187 -30.61 -16.17 26.19
CA SER B 187 -30.33 -17.54 26.60
C SER B 187 -30.09 -18.40 25.37
N LEU B 188 -28.90 -18.99 25.28
CA LEU B 188 -28.48 -19.72 24.09
C LEU B 188 -28.21 -21.19 24.39
N PRO B 189 -28.43 -22.07 23.40
CA PRO B 189 -28.00 -23.45 23.55
C PRO B 189 -26.47 -23.52 23.49
N SER B 190 -25.91 -24.54 24.13
CA SER B 190 -24.47 -24.78 24.05
C SER B 190 -24.18 -25.36 22.68
N HIS B 191 -23.44 -24.61 21.87
CA HIS B 191 -23.21 -24.98 20.49
C HIS B 191 -21.93 -24.34 19.98
N SER B 192 -21.32 -24.95 18.97
CA SER B 192 -20.20 -24.32 18.29
C SER B 192 -20.05 -24.79 16.85
N VAL B 193 -19.58 -23.89 15.99
CA VAL B 193 -19.35 -24.15 14.58
C VAL B 193 -18.08 -23.45 14.15
N ILE B 194 -17.46 -23.93 13.08
CA ILE B 194 -16.27 -23.33 12.52
C ILE B 194 -16.66 -22.63 11.22
N VAL B 195 -16.42 -21.34 11.16
CA VAL B 195 -16.63 -20.53 9.96
C VAL B 195 -15.30 -20.44 9.22
N PRO B 196 -15.29 -20.79 7.91
CA PRO B 196 -14.04 -20.73 7.14
C PRO B 196 -13.51 -19.32 7.07
N ARG B 197 -12.19 -19.21 6.97
CA ARG B 197 -11.52 -17.93 7.15
C ARG B 197 -11.97 -16.85 6.16
N LYS B 198 -12.19 -17.23 4.90
CA LYS B 198 -12.73 -16.30 3.90
C LYS B 198 -14.11 -15.79 4.27
N GLY B 199 -14.92 -16.68 4.86
CA GLY B 199 -16.24 -16.30 5.34
C GLY B 199 -16.15 -15.36 6.51
N VAL B 200 -15.23 -15.63 7.42
CA VAL B 200 -15.00 -14.74 8.55
C VAL B 200 -14.70 -13.31 8.06
N ILE B 201 -13.81 -13.21 7.08
CA ILE B 201 -13.39 -11.91 6.56
C ILE B 201 -14.57 -11.20 5.86
N GLU B 202 -15.35 -11.94 5.08
CA GLU B 202 -16.54 -11.38 4.42
C GLU B 202 -17.58 -10.91 5.43
N LEU B 203 -17.79 -11.71 6.47
CA LEU B 203 -18.68 -11.33 7.55
C LEU B 203 -18.18 -10.03 8.18
N MET B 204 -16.90 -10.00 8.52
CA MET B 204 -16.28 -8.82 9.12
C MET B 204 -16.59 -7.54 8.32
N ARG B 205 -16.40 -7.62 7.02
CA ARG B 205 -16.50 -6.46 6.16
C ARG B 205 -17.94 -6.05 5.84
N MET B 206 -18.91 -6.93 6.10
CA MET B 206 -20.32 -6.61 5.91
CA MET B 206 -20.32 -6.58 5.89
C MET B 206 -20.83 -5.66 7.00
N LEU B 207 -20.09 -5.57 8.10
CA LEU B 207 -20.50 -4.79 9.26
C LEU B 207 -20.07 -3.33 9.13
N ASP B 208 -21.03 -2.45 8.86
CA ASP B 208 -20.74 -1.07 8.43
C ASP B 208 -20.62 -0.06 9.56
N GLY B 209 -20.52 -0.54 10.80
CA GLY B 209 -20.42 0.33 11.97
C GLY B 209 -21.67 1.12 12.31
N GLY B 210 -22.83 0.65 11.82
CA GLY B 210 -24.10 1.38 11.96
C GLY B 210 -25.09 0.81 12.97
N ASP B 211 -26.32 1.31 12.95
CA ASP B 211 -27.33 1.00 13.96
C ASP B 211 -28.25 -0.18 13.67
N ASN B 212 -28.07 -0.82 12.52
CA ASN B 212 -28.82 -2.04 12.18
C ASN B 212 -28.36 -3.19 13.07
N PRO B 213 -29.30 -3.95 13.65
CA PRO B 213 -28.88 -5.16 14.37
C PRO B 213 -28.45 -6.28 13.42
N LEU B 214 -27.60 -7.17 13.91
CA LEU B 214 -27.18 -8.35 13.17
C LEU B 214 -27.98 -9.57 13.61
N ARG B 215 -28.57 -10.27 12.65
CA ARG B 215 -29.26 -11.53 12.93
C ARG B 215 -28.42 -12.68 12.35
N VAL B 216 -28.07 -13.61 13.23
CA VAL B 216 -27.31 -14.81 12.87
C VAL B 216 -28.20 -16.05 12.91
N GLN B 217 -28.15 -16.85 11.85
CA GLN B 217 -28.82 -18.15 11.82
C GLN B 217 -27.77 -19.22 11.53
N ILE B 218 -27.71 -20.24 12.39
CA ILE B 218 -26.76 -21.32 12.23
C ILE B 218 -27.49 -22.63 11.95
N GLY B 219 -27.07 -23.31 10.90
CA GLY B 219 -27.61 -24.61 10.55
C GLY B 219 -26.56 -25.67 10.82
N SER B 220 -26.87 -26.90 10.45
CA SER B 220 -25.94 -28.01 10.68
C SER B 220 -24.63 -27.80 9.93
N ASN B 221 -24.73 -27.32 8.69
CA ASN B 221 -23.57 -27.15 7.80
C ASN B 221 -23.43 -25.74 7.19
N ASN B 222 -24.22 -24.78 7.67
CA ASN B 222 -24.23 -23.43 7.12
C ASN B 222 -24.44 -22.37 8.20
N ILE B 223 -24.05 -21.15 7.88
CA ILE B 223 -24.28 -20.00 8.74
C ILE B 223 -24.74 -18.83 7.86
N ARG B 224 -25.66 -18.04 8.39
CA ARG B 224 -26.17 -16.85 7.70
C ARG B 224 -26.18 -15.65 8.63
N ALA B 225 -25.84 -14.47 8.08
CA ALA B 225 -25.87 -13.22 8.83
C ALA B 225 -26.66 -12.15 8.06
N HIS B 226 -27.66 -11.56 8.72
CA HIS B 226 -28.51 -10.52 8.14
C HIS B 226 -28.23 -9.17 8.79
N VAL B 227 -27.77 -8.21 8.01
CA VAL B 227 -27.70 -6.81 8.46
C VAL B 227 -28.35 -5.90 7.43
N GLY B 228 -29.38 -5.18 7.85
CA GLY B 228 -30.09 -4.24 6.96
C GLY B 228 -30.40 -4.85 5.61
N ASP B 229 -29.78 -4.32 4.57
CA ASP B 229 -30.05 -4.73 3.19
C ASP B 229 -29.13 -5.85 2.68
N PHE B 230 -28.39 -6.48 3.59
CA PHE B 230 -27.38 -7.47 3.19
C PHE B 230 -27.61 -8.82 3.86
N ILE B 231 -27.40 -9.89 3.10
CA ILE B 231 -27.51 -11.26 3.62
C ILE B 231 -26.28 -12.05 3.19
N PHE B 232 -25.52 -12.51 4.17
CA PHE B 232 -24.36 -13.33 3.92
C PHE B 232 -24.65 -14.76 4.32
N THR B 233 -24.28 -15.71 3.46
CA THR B 233 -24.45 -17.13 3.78
C THR B 233 -23.16 -17.88 3.41
N SER B 234 -22.75 -18.78 4.29
CA SER B 234 -21.51 -19.54 4.12
C SER B 234 -21.67 -20.95 4.63
N LYS B 235 -20.95 -21.87 3.99
CA LYS B 235 -20.78 -23.20 4.53
C LYS B 235 -19.92 -23.12 5.77
N LEU B 236 -20.09 -24.11 6.65
CA LEU B 236 -19.21 -24.30 7.78
C LEU B 236 -18.11 -25.32 7.43
N VAL B 237 -17.01 -25.27 8.16
CA VAL B 237 -15.95 -26.25 8.02
C VAL B 237 -16.39 -27.49 8.80
N ASP B 238 -16.50 -28.62 8.13
CA ASP B 238 -16.95 -29.87 8.75
C ASP B 238 -15.77 -30.58 9.42
N GLY B 239 -15.41 -30.11 10.61
CA GLY B 239 -14.30 -30.69 11.37
C GLY B 239 -14.42 -30.45 12.87
N ARG B 240 -13.39 -30.86 13.61
CA ARG B 240 -13.38 -30.71 15.06
C ARG B 240 -12.34 -29.68 15.45
N PHE B 241 -12.77 -28.67 16.21
CA PHE B 241 -11.87 -27.59 16.64
C PHE B 241 -11.24 -27.95 17.99
N PRO B 242 -10.00 -27.48 18.24
CA PRO B 242 -9.41 -27.70 19.56
C PRO B 242 -10.11 -26.96 20.70
N ASP B 243 -9.98 -27.48 21.92
CA ASP B 243 -10.66 -26.90 23.09
C ASP B 243 -9.78 -25.83 23.74
N TYR B 244 -10.19 -24.57 23.65
CA TYR B 244 -9.38 -23.44 24.14
C TYR B 244 -9.12 -23.53 25.64
N ARG B 245 -10.02 -24.19 26.35
CA ARG B 245 -9.91 -24.32 27.80
C ARG B 245 -8.61 -24.98 28.21
N ARG B 246 -8.12 -25.90 27.38
CA ARG B 246 -6.91 -26.66 27.69
C ARG B 246 -5.65 -25.96 27.17
N VAL B 247 -5.82 -24.90 26.40
CA VAL B 247 -4.72 -24.08 25.91
C VAL B 247 -4.39 -22.94 26.87
N LEU B 248 -5.42 -22.35 27.46
CA LEU B 248 -5.23 -21.32 28.48
C LEU B 248 -4.35 -21.92 29.58
N PRO B 249 -3.32 -21.17 30.03
CA PRO B 249 -2.56 -21.70 31.16
C PRO B 249 -3.45 -21.84 32.39
N LYS B 250 -3.34 -22.97 33.09
CA LYS B 250 -4.22 -23.24 34.22
C LYS B 250 -3.75 -22.44 35.45
N ASN B 251 -4.60 -21.52 35.90
CA ASN B 251 -4.32 -20.66 37.07
C ASN B 251 -2.90 -20.12 37.15
N PRO B 252 -2.55 -19.15 36.28
CA PRO B 252 -1.23 -18.53 36.35
C PRO B 252 -1.12 -17.62 37.57
N ASP B 253 -0.06 -17.79 38.36
CA ASP B 253 0.01 -17.13 39.68
C ASP B 253 0.82 -15.83 39.70
N LYS B 254 1.39 -15.45 38.56
CA LYS B 254 2.19 -14.22 38.48
C LYS B 254 1.59 -13.25 37.47
N HIS B 255 1.32 -12.02 37.92
CA HIS B 255 0.62 -11.02 37.11
C HIS B 255 1.44 -9.75 37.02
N LEU B 256 1.74 -9.34 35.78
CA LEU B 256 2.54 -8.17 35.49
C LEU B 256 1.69 -7.20 34.69
N GLU B 257 1.68 -5.93 35.10
CA GLU B 257 0.95 -4.87 34.40
C GLU B 257 1.90 -3.82 33.86
N ALA B 258 1.65 -3.35 32.64
CA ALA B 258 2.48 -2.34 32.02
C ALA B 258 1.68 -1.51 31.03
N GLY B 259 2.17 -0.31 30.74
CA GLY B 259 1.65 0.52 29.66
C GLY B 259 1.77 -0.22 28.34
N CYS B 260 0.69 -0.17 27.56
CA CYS B 260 0.59 -0.94 26.33
CA CYS B 260 0.52 -0.91 26.32
C CYS B 260 1.53 -0.44 25.25
N ASP B 261 1.55 0.86 25.01
CA ASP B 261 2.43 1.44 24.01
C ASP B 261 3.91 1.29 24.38
N LEU B 262 4.24 1.57 25.65
CA LEU B 262 5.63 1.45 26.10
C LEU B 262 6.16 0.01 26.00
N LEU B 263 5.32 -0.97 26.29
CA LEU B 263 5.71 -2.37 26.23
C LEU B 263 5.91 -2.80 24.76
N LYS B 264 5.01 -2.33 23.91
CA LYS B 264 5.04 -2.65 22.49
C LYS B 264 6.28 -2.03 21.82
N GLN B 265 6.59 -0.78 22.12
CA GLN B 265 7.75 -0.13 21.51
C GLN B 265 9.06 -0.77 21.97
N ALA B 266 9.12 -1.20 23.22
CA ALA B 266 10.28 -1.93 23.74
C ALA B 266 10.44 -3.29 23.04
N PHE B 267 9.33 -4.02 22.86
CA PHE B 267 9.39 -5.27 22.09
C PHE B 267 9.77 -5.02 20.63
N ALA B 268 9.23 -3.95 20.03
CA ALA B 268 9.47 -3.68 18.62
C ALA B 268 10.95 -3.35 18.37
N ARG B 269 11.56 -2.60 19.29
CA ARG B 269 12.99 -2.31 19.22
C ARG B 269 13.86 -3.55 19.48
N ALA B 270 13.50 -4.34 20.48
CA ALA B 270 14.26 -5.56 20.78
C ALA B 270 14.19 -6.56 19.63
N ALA B 271 13.03 -6.64 18.98
CA ALA B 271 12.79 -7.60 17.89
C ALA B 271 13.71 -7.43 16.70
N ILE B 272 14.23 -6.22 16.52
CA ILE B 272 15.19 -5.91 15.45
C ILE B 272 16.43 -6.82 15.50
N LEU B 273 16.88 -7.18 16.69
CA LEU B 273 18.09 -8.01 16.83
C LEU B 273 17.75 -9.43 17.26
N SER B 274 16.49 -9.82 17.07
CA SER B 274 16.05 -11.18 17.30
C SER B 274 16.31 -12.01 16.05
N ASN B 275 16.32 -13.33 16.22
CA ASN B 275 16.43 -14.27 15.10
C ASN B 275 15.30 -14.05 14.09
N GLU B 276 15.67 -13.87 12.81
CA GLU B 276 14.70 -13.55 11.76
C GLU B 276 13.70 -14.67 11.50
N LYS B 277 14.08 -15.90 11.77
CA LYS B 277 13.22 -17.04 11.52
C LYS B 277 12.35 -17.37 12.74
N PHE B 278 12.94 -17.30 13.94
CA PHE B 278 12.26 -17.82 15.13
C PHE B 278 11.86 -16.74 16.14
N ARG B 279 12.47 -15.55 16.01
CA ARG B 279 11.98 -14.33 16.65
C ARG B 279 11.89 -14.40 18.19
N GLY B 280 12.72 -15.24 18.78
CA GLY B 280 12.73 -15.44 20.22
C GLY B 280 13.32 -14.26 20.97
N VAL B 281 12.60 -13.81 22.00
CA VAL B 281 13.10 -12.79 22.93
C VAL B 281 12.87 -13.27 24.36
N ARG B 282 13.71 -12.80 25.27
CA ARG B 282 13.66 -13.21 26.67
C ARG B 282 13.16 -12.08 27.54
N LEU B 283 12.39 -12.45 28.57
CA LEU B 283 11.91 -11.52 29.58
C LEU B 283 12.51 -11.92 30.92
N TYR B 284 13.02 -10.94 31.66
CA TYR B 284 13.45 -11.16 33.04
C TYR B 284 12.61 -10.26 33.94
N VAL B 285 11.74 -10.88 34.74
CA VAL B 285 10.82 -10.13 35.57
C VAL B 285 11.31 -10.06 37.02
N SER B 286 11.33 -8.85 37.55
CA SER B 286 11.70 -8.57 38.92
C SER B 286 10.76 -7.50 39.47
N GLU B 287 10.93 -7.15 40.74
CA GLU B 287 10.05 -6.21 41.43
C GLU B 287 9.87 -4.90 40.65
N ASN B 288 8.65 -4.71 40.12
CA ASN B 288 8.29 -3.54 39.31
C ASN B 288 9.27 -3.22 38.18
N GLN B 289 9.90 -4.26 37.64
CA GLN B 289 10.82 -4.09 36.52
C GLN B 289 10.77 -5.28 35.56
N LEU B 290 10.82 -4.96 34.27
CA LEU B 290 10.90 -5.94 33.19
C LEU B 290 12.14 -5.63 32.34
N LYS B 291 12.93 -6.65 32.07
CA LYS B 291 14.04 -6.55 31.15
C LYS B 291 13.84 -7.51 29.98
N ILE B 292 13.88 -6.97 28.78
CA ILE B 292 13.71 -7.74 27.56
C ILE B 292 15.04 -7.80 26.83
N THR B 293 15.47 -8.99 26.44
CA THR B 293 16.69 -9.15 25.67
C THR B 293 16.41 -9.92 24.39
N ALA B 294 17.21 -9.63 23.37
CA ALA B 294 17.16 -10.34 22.11
C ALA B 294 18.57 -10.44 21.57
N ASN B 295 18.88 -11.58 20.94
CA ASN B 295 20.09 -11.70 20.14
C ASN B 295 19.86 -12.55 18.91
N ASN B 296 20.80 -12.52 17.97
CA ASN B 296 20.65 -13.22 16.71
C ASN B 296 21.89 -14.06 16.41
N PRO B 297 21.89 -14.81 15.28
CA PRO B 297 23.09 -15.61 14.96
C PRO B 297 24.36 -14.80 14.72
N GLU B 298 24.23 -13.54 14.34
CA GLU B 298 25.38 -12.65 14.19
C GLU B 298 25.91 -12.13 15.53
N GLN B 299 25.29 -12.57 16.63
CA GLN B 299 25.67 -12.19 17.98
C GLN B 299 25.46 -10.70 18.28
N GLU B 300 24.56 -10.07 17.55
CA GLU B 300 24.09 -8.73 17.88
C GLU B 300 23.09 -8.88 19.04
N GLU B 301 22.97 -7.84 19.86
CA GLU B 301 22.21 -7.94 21.10
C GLU B 301 21.41 -6.66 21.38
N ALA B 302 20.16 -6.83 21.81
CA ALA B 302 19.33 -5.74 22.31
C ALA B 302 18.94 -5.98 23.77
N GLU B 303 18.82 -4.89 24.52
CA GLU B 303 18.34 -4.93 25.89
C GLU B 303 17.42 -3.74 26.12
N GLU B 304 16.25 -4.00 26.71
CA GLU B 304 15.28 -2.97 27.09
C GLU B 304 14.90 -3.18 28.55
N ILE B 305 15.01 -2.13 29.36
CA ILE B 305 14.53 -2.17 30.74
C ILE B 305 13.42 -1.12 30.87
N LEU B 306 12.31 -1.50 31.50
CA LEU B 306 11.23 -0.55 31.76
C LEU B 306 10.49 -0.85 33.05
N ASP B 307 9.82 0.18 33.58
CA ASP B 307 9.07 0.06 34.81
C ASP B 307 7.71 -0.55 34.50
N VAL B 308 7.30 -1.49 35.34
CA VAL B 308 5.99 -2.13 35.24
C VAL B 308 5.44 -2.28 36.65
N THR B 309 4.25 -2.84 36.77
CA THR B 309 3.70 -3.21 38.07
C THR B 309 3.88 -4.71 38.24
N TYR B 310 4.77 -5.11 39.14
CA TYR B 310 5.00 -6.52 39.42
C TYR B 310 5.57 -6.73 40.82
N SER B 311 5.02 -7.72 41.53
CA SER B 311 5.48 -8.04 42.88
C SER B 311 5.59 -9.54 43.16
N GLY B 312 5.51 -10.37 42.12
CA GLY B 312 5.68 -11.82 42.29
C GLY B 312 7.12 -12.23 42.49
N ALA B 313 7.38 -13.53 42.44
CA ALA B 313 8.76 -14.03 42.50
C ALA B 313 9.48 -13.70 41.20
N GLU B 314 10.80 -13.63 41.26
CA GLU B 314 11.58 -13.39 40.06
C GLU B 314 11.51 -14.62 39.16
N MET B 315 11.42 -14.39 37.85
CA MET B 315 11.39 -15.46 36.87
C MET B 315 11.78 -14.94 35.49
N GLU B 316 12.19 -15.86 34.63
CA GLU B 316 12.42 -15.53 33.23
C GLU B 316 11.56 -16.40 32.33
N ILE B 317 11.33 -15.92 31.10
CA ILE B 317 10.60 -16.68 30.09
C ILE B 317 10.94 -16.12 28.71
N GLY B 318 10.99 -17.01 27.71
CA GLY B 318 11.16 -16.59 26.33
C GLY B 318 9.90 -16.83 25.52
N PHE B 319 9.69 -16.03 24.47
CA PHE B 319 8.64 -16.32 23.50
C PHE B 319 8.88 -15.62 22.16
N ASN B 320 8.03 -15.96 21.19
CA ASN B 320 8.05 -15.36 19.86
C ASN B 320 7.54 -13.93 19.95
N VAL B 321 8.42 -12.97 19.65
CA VAL B 321 8.08 -11.56 19.77
C VAL B 321 7.07 -11.10 18.71
N SER B 322 7.05 -11.75 17.55
CA SER B 322 6.06 -11.44 16.52
C SER B 322 4.66 -11.77 17.00
N TYR B 323 4.50 -12.89 17.70
CA TYR B 323 3.20 -13.27 18.26
C TYR B 323 2.75 -12.30 19.34
N VAL B 324 3.68 -11.87 20.19
CA VAL B 324 3.36 -10.94 21.26
C VAL B 324 3.05 -9.54 20.69
N LEU B 325 3.84 -9.11 19.69
CA LEU B 325 3.51 -7.85 19.00
C LEU B 325 2.14 -7.90 18.33
N ASP B 326 1.78 -9.04 17.74
CA ASP B 326 0.46 -9.22 17.13
C ASP B 326 -0.64 -9.01 18.15
N VAL B 327 -0.45 -9.57 19.35
CA VAL B 327 -1.42 -9.44 20.45
C VAL B 327 -1.56 -7.98 20.87
N LEU B 328 -0.43 -7.29 21.05
CA LEU B 328 -0.43 -5.90 21.53
C LEU B 328 -1.05 -4.94 20.51
N ASN B 329 -0.84 -5.21 19.22
CA ASN B 329 -1.47 -4.41 18.16
C ASN B 329 -2.98 -4.66 18.08
N ALA B 330 -3.41 -5.89 18.36
CA ALA B 330 -4.83 -6.22 18.44
C ALA B 330 -5.53 -5.56 19.63
N LEU B 331 -4.84 -5.48 20.76
CA LEU B 331 -5.42 -4.94 21.99
C LEU B 331 -5.62 -3.41 21.93
N LYS B 332 -4.68 -2.69 21.32
CA LYS B 332 -4.72 -1.23 21.31
C LYS B 332 -5.19 -0.70 22.66
N CYS B 333 -4.55 -1.16 23.72
N CYS B 333 -4.48 -1.14 23.69
CA CYS B 333 -4.99 -0.85 25.08
CA CYS B 333 -4.84 -0.92 25.09
C CYS B 333 -4.24 0.33 25.70
C CYS B 333 -4.16 0.29 25.73
N GLU B 334 -4.58 0.62 26.95
CA GLU B 334 -3.87 1.60 27.75
C GLU B 334 -2.87 0.82 28.60
N ASN B 335 -3.36 -0.15 29.34
CA ASN B 335 -2.51 -1.07 30.09
C ASN B 335 -2.81 -2.51 29.73
N VAL B 336 -1.77 -3.35 29.82
CA VAL B 336 -1.84 -4.79 29.47
CA VAL B 336 -1.88 -4.76 29.48
C VAL B 336 -1.55 -5.60 30.71
N ARG B 337 -2.23 -6.74 30.83
CA ARG B 337 -1.98 -7.73 31.87
C ARG B 337 -1.29 -8.93 31.23
N MET B 338 -0.11 -9.28 31.73
CA MET B 338 0.62 -10.46 31.31
C MET B 338 0.62 -11.44 32.46
N MET B 339 0.00 -12.59 32.26
CA MET B 339 -0.23 -13.57 33.30
C MET B 339 0.73 -14.72 33.12
N LEU B 340 1.69 -14.82 34.03
CA LEU B 340 2.84 -15.69 33.90
C LEU B 340 2.81 -16.81 34.94
N THR B 341 3.47 -17.91 34.61
CA THR B 341 3.57 -19.05 35.49
C THR B 341 5.05 -19.34 35.77
N ASP B 342 5.78 -19.71 34.72
CA ASP B 342 7.19 -20.04 34.83
C ASP B 342 7.83 -20.14 33.44
N SER B 343 9.13 -20.42 33.41
CA SER B 343 9.87 -20.48 32.15
C SER B 343 9.40 -21.58 31.19
N VAL B 344 8.63 -22.54 31.69
CA VAL B 344 8.26 -23.69 30.86
C VAL B 344 6.76 -23.76 30.58
N SER B 345 6.04 -22.66 30.84
CA SER B 345 4.61 -22.59 30.61
C SER B 345 4.23 -21.44 29.67
N SER B 346 3.05 -21.52 29.09
CA SER B 346 2.52 -20.47 28.22
C SER B 346 2.23 -19.21 29.02
N VAL B 347 1.99 -18.11 28.31
CA VAL B 347 1.63 -16.84 28.93
C VAL B 347 0.26 -16.41 28.40
N GLN B 348 -0.57 -15.87 29.28
CA GLN B 348 -1.88 -15.37 28.87
C GLN B 348 -1.82 -13.85 28.98
N ILE B 349 -2.26 -13.18 27.93
CA ILE B 349 -2.21 -11.74 27.87
C ILE B 349 -3.62 -11.21 27.66
N GLU B 350 -3.96 -10.14 28.34
CA GLU B 350 -5.27 -9.49 28.25
C GLU B 350 -5.08 -7.99 28.40
N ASP B 351 -6.03 -7.22 27.88
CA ASP B 351 -6.18 -5.81 28.28
C ASP B 351 -6.38 -5.84 29.77
N ALA B 352 -5.69 -4.96 30.48
CA ALA B 352 -5.83 -4.88 31.93
C ALA B 352 -7.25 -4.48 32.31
N ALA B 353 -7.89 -3.67 31.46
CA ALA B 353 -9.24 -3.15 31.70
C ALA B 353 -10.39 -4.06 31.22
N SER B 354 -10.09 -5.29 30.80
CA SER B 354 -11.14 -6.20 30.30
C SER B 354 -10.65 -7.65 30.21
N GLN B 355 -11.48 -8.58 30.67
CA GLN B 355 -11.19 -10.01 30.51
C GLN B 355 -11.87 -10.62 29.28
N SER B 356 -12.58 -9.81 28.50
CA SER B 356 -13.35 -10.33 27.38
C SER B 356 -12.46 -11.03 26.34
N ALA B 357 -11.29 -10.47 26.08
CA ALA B 357 -10.33 -11.05 25.12
C ALA B 357 -9.07 -11.54 25.84
N ALA B 358 -8.63 -12.75 25.49
CA ALA B 358 -7.40 -13.33 26.05
C ALA B 358 -6.58 -13.98 24.96
N TYR B 359 -5.26 -13.96 25.14
CA TYR B 359 -4.32 -14.45 24.13
C TYR B 359 -3.32 -15.36 24.78
N VAL B 360 -2.98 -16.46 24.10
CA VAL B 360 -2.02 -17.41 24.63
C VAL B 360 -0.84 -17.59 23.68
N VAL B 361 0.36 -17.36 24.21
CA VAL B 361 1.60 -17.55 23.47
C VAL B 361 2.44 -18.58 24.21
N MET B 362 3.10 -19.45 23.45
CA MET B 362 3.89 -20.56 23.99
C MET B 362 5.22 -20.04 24.56
N PRO B 363 5.85 -20.81 25.47
CA PRO B 363 7.18 -20.45 25.95
C PRO B 363 8.25 -20.90 24.98
N MET B 364 9.34 -20.13 24.89
CA MET B 364 10.51 -20.55 24.13
C MET B 364 11.71 -20.67 25.07
N ARG B 365 12.43 -21.78 24.95
CA ARG B 365 13.73 -21.95 25.55
C ARG B 365 14.79 -21.34 24.64
N LEU B 366 15.41 -20.26 25.10
CA LEU B 366 16.35 -19.49 24.27
C LEU B 366 17.79 -19.63 24.73
N GLN C 2 0.72 -0.67 -32.25
CA GLN C 2 1.54 0.48 -31.71
C GLN C 2 2.71 0.85 -32.62
N ALA C 3 2.78 2.11 -33.02
CA ALA C 3 3.87 2.64 -33.85
C ALA C 3 4.89 3.36 -32.96
N ASP C 4 6.08 3.62 -33.49
CA ASP C 4 7.18 4.19 -32.70
C ASP C 4 7.55 5.62 -33.09
N LEU C 5 8.06 6.36 -32.11
CA LEU C 5 8.44 7.77 -32.28
C LEU C 5 9.75 7.94 -33.02
N PHE C 6 10.62 6.94 -32.94
CA PHE C 6 11.97 7.01 -33.47
C PHE C 6 12.62 5.62 -33.48
#